data_3QVR
#
_entry.id   3QVR
#
_cell.length_a   65.952
_cell.length_b   65.952
_cell.length_c   214.252
_cell.angle_alpha   90.00
_cell.angle_beta   90.00
_cell.angle_gamma   120.00
#
_symmetry.space_group_name_H-M   'P 31 2 1'
#
loop_
_entity.id
_entity.type
_entity.pdbx_description
1 polymer 'Glucose oxidase'
2 branched alpha-D-mannopyranose-(1-2)-alpha-D-mannopyranose-(1-3)-beta-D-mannopyranose-(1-4)-2-acetamido-2-deoxy-beta-D-glucopyranose-(1-4)-2-acetamido-2-deoxy-beta-D-glucopyranose
3 non-polymer 2-acetamido-2-deoxy-beta-D-glucopyranose
4 non-polymer 'FLAVIN-ADENINE DINUCLEOTIDE'
5 non-polymer 'CHLORIDE ION'
6 water water
#
_entity_poly.entity_id   1
_entity_poly.type   'polypeptide(L)'
_entity_poly.pdbx_seq_one_letter_code
;SNGIEASLLTDPKDVSGRTVDYIIAGGGLTGLTTAARLTENPNISVLVIESGSYESDRGPIIEDLNAYGDIFGSSVDHAY
ETVELATNNQTALIRSGNGLGGSTLVNGGTWTRPHKAQVDSWETVFGNEGWNWDNVAAYSLQAERARAPNAKQIAAGHYF
NASCHGVNGTVHAGPRDTGDDYSPIVKALMSAVEDRGVPTKKDFGCGDPHGVSMFPNTLHEDQVRSDAAREWLLPNYQRP
NLQVLTGQYVGKVLLSQNGTTPRAVGVEFGTHKGNTHNVYAKHEVLLAAGSAVSPTILEYSGIGMKSILEPLGIDTVVDL
PVGLNLQDQTTATVRSRITSAGAGQGQAAWFATFNETFGDYSEKAHELLNTKLEQWAEEAVARGGFHNTTALLIQYENYR
DWIVNHNVAYSELFLDTAGVASFDVWDLLPFTRGYVHILDKDPYLHHFAYDPQYFLNELDLLGQAAATQLARNISNSGAM
QTYFAGETIPGDNLAYDADLSAWTEYIPYHFRPNYHGVGTCSMMPKEMGGVVDNAARVYGVQGLRVIDGSIPPTQMSSHV
MTVFYAMALKISDAILEDYASMQ
;
_entity_poly.pdbx_strand_id   A
#
loop_
_chem_comp.id
_chem_comp.type
_chem_comp.name
_chem_comp.formula
BMA D-saccharide, beta linking beta-D-mannopyranose 'C6 H12 O6'
CL non-polymer 'CHLORIDE ION' 'Cl -1'
FAD non-polymer 'FLAVIN-ADENINE DINUCLEOTIDE' 'C27 H33 N9 O15 P2'
MAN D-saccharide, alpha linking alpha-D-mannopyranose 'C6 H12 O6'
NAG D-saccharide, beta linking 2-acetamido-2-deoxy-beta-D-glucopyranose 'C8 H15 N O6'
#
# COMPACT_ATOMS: atom_id res chain seq x y z
N GLY A 3 -7.81 29.93 8.47
CA GLY A 3 -8.12 28.48 8.26
C GLY A 3 -7.14 27.81 7.31
N ILE A 4 -7.11 26.49 7.31
CA ILE A 4 -6.20 25.78 6.44
C ILE A 4 -6.46 26.02 4.94
N GLU A 5 -7.73 26.06 4.55
CA GLU A 5 -8.06 26.30 3.14
C GLU A 5 -7.43 27.59 2.61
N ALA A 6 -7.51 28.64 3.43
CA ALA A 6 -6.95 29.93 3.03
C ALA A 6 -5.44 29.92 2.90
N SER A 7 -4.78 29.01 3.62
CA SER A 7 -3.33 28.95 3.59
C SER A 7 -2.74 28.25 2.37
N LEU A 8 -3.55 27.43 1.71
CA LEU A 8 -3.07 26.69 0.54
C LEU A 8 -2.78 27.57 -0.67
N LEU A 9 -1.68 27.28 -1.35
CA LEU A 9 -1.34 28.03 -2.56
C LEU A 9 -2.01 27.35 -3.75
N THR A 10 -2.52 28.15 -4.68
CA THR A 10 -3.12 27.60 -5.90
C THR A 10 -2.49 28.22 -7.15
N ASP A 11 -1.91 29.40 -7.00
CA ASP A 11 -1.29 30.11 -8.13
C ASP A 11 0.17 29.75 -8.35
N PRO A 12 0.51 29.13 -9.50
CA PRO A 12 1.90 28.75 -9.80
C PRO A 12 2.91 29.89 -9.62
N LYS A 13 2.46 31.10 -9.89
CA LYS A 13 3.33 32.28 -9.78
C LYS A 13 3.81 32.49 -8.34
N ASP A 14 3.11 31.89 -7.38
CA ASP A 14 3.48 32.03 -5.96
C ASP A 14 4.76 31.28 -5.62
N VAL A 15 5.21 30.36 -6.49
CA VAL A 15 6.47 29.66 -6.21
C VAL A 15 7.39 29.57 -7.42
N SER A 16 6.89 29.93 -8.60
CA SER A 16 7.70 29.84 -9.81
C SER A 16 9.05 30.57 -9.69
N GLY A 17 10.13 29.87 -9.98
CA GLY A 17 11.45 30.47 -9.90
C GLY A 17 12.05 30.61 -8.52
N ARG A 18 11.28 30.29 -7.47
CA ARG A 18 11.78 30.40 -6.10
C ARG A 18 12.59 29.18 -5.66
N THR A 19 13.26 29.33 -4.53
CA THR A 19 14.07 28.25 -4.02
C THR A 19 13.65 27.97 -2.58
N VAL A 20 13.50 26.68 -2.27
CA VAL A 20 13.15 26.24 -0.90
C VAL A 20 14.17 25.14 -0.59
N ASP A 21 14.25 24.72 0.67
CA ASP A 21 15.20 23.70 0.99
C ASP A 21 14.82 22.32 0.44
N TYR A 22 13.55 21.97 0.60
CA TYR A 22 13.06 20.70 0.11
C TYR A 22 11.77 20.82 -0.65
N ILE A 23 11.67 20.09 -1.76
CA ILE A 23 10.45 20.02 -2.54
C ILE A 23 9.93 18.58 -2.41
N ILE A 24 8.66 18.45 -2.06
CA ILE A 24 8.07 17.12 -1.94
C ILE A 24 6.98 17.03 -3.00
N ALA A 25 7.15 16.07 -3.91
CA ALA A 25 6.17 15.84 -4.98
C ALA A 25 5.14 14.82 -4.45
N GLY A 26 3.96 15.31 -4.18
CA GLY A 26 2.88 14.48 -3.66
C GLY A 26 2.56 14.74 -2.20
N GLY A 27 1.36 15.23 -1.90
CA GLY A 27 0.97 15.52 -0.53
C GLY A 27 0.08 14.40 0.02
N GLY A 28 0.59 13.16 -0.07
CA GLY A 28 -0.13 11.99 0.41
C GLY A 28 0.36 11.54 1.79
N LEU A 29 0.26 10.24 2.08
CA LEU A 29 0.65 9.72 3.39
C LEU A 29 2.10 10.04 3.70
N THR A 30 3.01 9.58 2.85
CA THR A 30 4.43 9.77 3.15
C THR A 30 4.88 11.22 2.93
N GLY A 31 4.30 11.89 1.94
CA GLY A 31 4.66 13.27 1.66
C GLY A 31 4.34 14.21 2.80
N LEU A 32 3.13 14.13 3.33
CA LEU A 32 2.74 15.02 4.42
C LEU A 32 3.39 14.63 5.74
N THR A 33 3.61 13.35 5.98
CA THR A 33 4.27 12.95 7.22
C THR A 33 5.67 13.57 7.19
N THR A 34 6.38 13.40 6.07
CA THR A 34 7.72 13.96 5.89
C THR A 34 7.74 15.48 5.96
N ALA A 35 6.75 16.14 5.36
CA ALA A 35 6.70 17.60 5.39
C ALA A 35 6.59 18.08 6.84
N ALA A 36 5.77 17.40 7.62
CA ALA A 36 5.57 17.78 9.02
C ALA A 36 6.87 17.58 9.81
N ARG A 37 7.52 16.44 9.61
CA ARG A 37 8.73 16.18 10.38
C ARG A 37 9.85 17.16 10.01
N LEU A 38 10.03 17.43 8.72
CA LEU A 38 11.09 18.34 8.31
C LEU A 38 10.86 19.77 8.77
N THR A 39 9.63 20.24 8.78
CA THR A 39 9.39 21.63 9.17
C THR A 39 9.35 21.87 10.69
N GLU A 40 9.67 20.85 11.47
CA GLU A 40 9.73 21.04 12.92
C GLU A 40 10.92 21.97 13.16
N ASN A 41 11.88 21.96 12.25
CA ASN A 41 13.02 22.86 12.35
C ASN A 41 12.58 24.12 11.57
N PRO A 42 12.40 25.25 12.27
CA PRO A 42 11.96 26.48 11.60
C PRO A 42 12.90 26.99 10.50
N ASN A 43 14.14 26.52 10.49
CA ASN A 43 15.15 26.92 9.50
C ASN A 43 14.93 26.22 8.15
N ILE A 44 14.18 25.13 8.18
CA ILE A 44 13.95 24.34 6.97
C ILE A 44 12.65 24.67 6.26
N SER A 45 12.77 25.13 5.02
CA SER A 45 11.59 25.46 4.21
C SER A 45 11.21 24.27 3.33
N VAL A 46 9.92 23.94 3.35
CA VAL A 46 9.43 22.82 2.55
C VAL A 46 8.27 23.25 1.69
N LEU A 47 8.28 22.81 0.43
CA LEU A 47 7.16 23.04 -0.46
C LEU A 47 6.63 21.68 -0.89
N VAL A 48 5.36 21.44 -0.57
CA VAL A 48 4.68 20.19 -0.99
C VAL A 48 3.89 20.61 -2.23
N ILE A 49 4.03 19.85 -3.33
CA ILE A 49 3.21 20.13 -4.53
C ILE A 49 2.28 18.87 -4.67
N GLU A 50 0.98 19.11 -4.60
CA GLU A 50 -0.06 18.06 -4.66
C GLU A 50 -1.00 18.32 -5.83
N SER A 51 -1.35 17.27 -6.57
CA SER A 51 -2.25 17.41 -7.70
C SER A 51 -3.67 17.75 -7.26
N GLY A 52 -4.12 17.23 -6.12
CA GLY A 52 -5.46 17.48 -5.63
C GLY A 52 -5.44 18.63 -4.62
N SER A 53 -6.45 18.68 -3.77
CA SER A 53 -6.56 19.72 -2.77
C SER A 53 -7.04 19.19 -1.44
N TYR A 54 -7.40 20.10 -0.53
CA TYR A 54 -7.86 19.68 0.81
C TYR A 54 -9.28 19.10 0.75
N GLU A 55 -9.45 17.92 1.33
CA GLU A 55 -10.73 17.24 1.30
C GLU A 55 -11.23 16.80 2.67
N SER A 56 -10.40 16.96 3.71
CA SER A 56 -10.73 16.45 5.04
C SER A 56 -11.99 16.96 5.70
N ASP A 57 -12.45 18.15 5.31
CA ASP A 57 -13.64 18.71 5.90
C ASP A 57 -14.84 18.67 4.97
N ARG A 58 -14.75 17.89 3.89
CA ARG A 58 -15.85 17.84 2.92
C ARG A 58 -17.18 17.31 3.46
N GLY A 59 -17.11 16.29 4.29
CA GLY A 59 -18.32 15.67 4.80
C GLY A 59 -18.12 14.17 4.90
N PRO A 60 -19.19 13.40 5.15
CA PRO A 60 -19.15 11.95 5.30
C PRO A 60 -18.45 11.16 4.21
N ILE A 61 -18.58 11.58 2.94
CA ILE A 61 -17.96 10.84 1.85
C ILE A 61 -16.45 10.68 2.09
N ILE A 62 -15.84 11.61 2.84
CA ILE A 62 -14.43 11.48 3.20
C ILE A 62 -14.26 11.10 4.68
N GLU A 63 -15.03 11.76 5.55
CA GLU A 63 -14.82 11.58 6.99
C GLU A 63 -15.40 10.36 7.65
N ASP A 64 -16.35 9.70 7.01
CA ASP A 64 -16.99 8.53 7.60
C ASP A 64 -16.44 7.28 6.94
N LEU A 65 -15.71 6.46 7.70
CA LEU A 65 -15.15 5.25 7.10
C LEU A 65 -16.21 4.32 6.54
N ASN A 66 -17.43 4.39 7.08
CA ASN A 66 -18.50 3.52 6.62
C ASN A 66 -18.97 3.87 5.23
N ALA A 67 -18.58 5.05 4.75
CA ALA A 67 -18.94 5.48 3.40
C ALA A 67 -17.91 5.03 2.39
N TYR A 68 -17.01 4.16 2.82
CA TYR A 68 -15.94 3.68 1.98
C TYR A 68 -16.42 3.29 0.59
N GLY A 69 -15.73 3.78 -0.44
CA GLY A 69 -16.08 3.44 -1.81
C GLY A 69 -16.95 4.47 -2.51
N ASP A 70 -17.71 5.27 -1.76
CA ASP A 70 -18.57 6.26 -2.41
C ASP A 70 -17.77 7.26 -3.22
N ILE A 71 -16.57 7.58 -2.72
CA ILE A 71 -15.69 8.55 -3.36
C ILE A 71 -15.05 8.05 -4.68
N PHE A 72 -15.13 6.74 -4.94
CA PHE A 72 -14.49 6.21 -6.14
C PHE A 72 -15.10 6.83 -7.42
N GLY A 73 -14.23 7.08 -8.41
CA GLY A 73 -14.68 7.67 -9.67
C GLY A 73 -14.81 9.18 -9.65
N SER A 74 -14.60 9.81 -8.50
CA SER A 74 -14.73 11.24 -8.39
C SER A 74 -13.36 11.89 -8.61
N SER A 75 -13.32 13.22 -8.47
CA SER A 75 -12.05 13.93 -8.64
C SER A 75 -11.05 13.62 -7.53
N VAL A 76 -11.50 12.96 -6.46
CA VAL A 76 -10.61 12.61 -5.36
C VAL A 76 -10.02 11.20 -5.59
N ASP A 77 -10.32 10.62 -6.75
CA ASP A 77 -9.82 9.29 -7.12
C ASP A 77 -9.09 9.37 -8.48
N HIS A 78 -7.79 9.16 -8.50
CA HIS A 78 -7.05 9.16 -9.75
C HIS A 78 -7.55 8.08 -10.75
N ALA A 79 -8.05 6.97 -10.22
CA ALA A 79 -8.57 5.90 -11.08
C ALA A 79 -7.62 5.55 -12.23
N TYR A 80 -6.39 5.22 -11.90
CA TYR A 80 -5.41 4.91 -12.90
C TYR A 80 -5.86 3.65 -13.65
N GLU A 81 -5.76 3.68 -14.97
CA GLU A 81 -6.16 2.51 -15.72
C GLU A 81 -4.97 1.63 -16.04
N THR A 82 -5.14 0.32 -15.83
CA THR A 82 -4.08 -0.62 -16.19
C THR A 82 -4.08 -0.87 -17.69
N VAL A 83 -3.10 -1.62 -18.18
CA VAL A 83 -3.08 -2.07 -19.57
C VAL A 83 -4.20 -3.14 -19.69
N GLU A 84 -4.45 -3.59 -20.91
CA GLU A 84 -5.39 -4.69 -21.10
C GLU A 84 -4.72 -5.92 -20.45
N LEU A 85 -5.28 -6.38 -19.33
CA LEU A 85 -4.68 -7.49 -18.59
C LEU A 85 -4.71 -8.78 -19.36
N ALA A 86 -3.61 -9.53 -19.34
CA ALA A 86 -3.56 -10.81 -20.04
C ALA A 86 -4.47 -11.86 -19.41
N THR A 87 -4.75 -11.75 -18.13
CA THR A 87 -5.58 -12.77 -17.50
C THR A 87 -7.04 -12.78 -17.97
N ASN A 88 -7.57 -11.63 -18.33
CA ASN A 88 -8.96 -11.57 -18.71
C ASN A 88 -9.29 -10.63 -19.87
N ASN A 89 -8.25 -10.09 -20.51
CA ASN A 89 -8.44 -9.13 -21.60
C ASN A 89 -9.33 -7.93 -21.27
N GLN A 90 -9.18 -7.41 -20.04
CA GLN A 90 -9.93 -6.27 -19.59
C GLN A 90 -9.00 -5.28 -18.91
N THR A 91 -9.40 -4.01 -18.93
CA THR A 91 -8.68 -2.93 -18.27
C THR A 91 -9.22 -2.87 -16.85
N ALA A 92 -8.35 -2.68 -15.85
CA ALA A 92 -8.85 -2.53 -14.49
C ALA A 92 -8.53 -1.11 -14.01
N LEU A 93 -9.28 -0.67 -13.00
CA LEU A 93 -9.06 0.64 -12.41
C LEU A 93 -8.35 0.53 -11.06
N ILE A 94 -7.33 1.35 -10.91
CA ILE A 94 -6.57 1.40 -9.66
C ILE A 94 -7.05 2.63 -8.88
N ARG A 95 -7.86 2.40 -7.86
CA ARG A 95 -8.31 3.47 -6.99
C ARG A 95 -7.07 4.01 -6.28
N SER A 96 -6.94 5.34 -6.27
CA SER A 96 -5.79 5.99 -5.61
C SER A 96 -6.22 7.39 -5.27
N GLY A 97 -6.02 7.81 -4.02
CA GLY A 97 -6.52 9.12 -3.61
C GLY A 97 -5.81 10.29 -4.29
N ASN A 98 -6.63 11.28 -4.64
CA ASN A 98 -6.16 12.53 -5.25
C ASN A 98 -6.56 13.69 -4.35
N GLY A 99 -5.63 14.14 -3.53
CA GLY A 99 -5.91 15.22 -2.57
C GLY A 99 -4.91 15.16 -1.44
N LEU A 100 -4.89 16.17 -0.58
CA LEU A 100 -3.96 16.15 0.55
C LEU A 100 -4.36 14.99 1.44
N GLY A 101 -3.40 14.10 1.68
CA GLY A 101 -3.69 12.87 2.41
C GLY A 101 -3.62 11.66 1.47
N GLY A 102 -3.68 11.91 0.15
CA GLY A 102 -3.55 10.80 -0.79
C GLY A 102 -4.57 9.71 -0.54
N SER A 103 -4.11 8.46 -0.64
CA SER A 103 -5.03 7.35 -0.45
C SER A 103 -5.58 7.18 0.95
N THR A 104 -5.02 7.91 1.92
CA THR A 104 -5.62 7.83 3.26
C THR A 104 -6.97 8.55 3.27
N LEU A 105 -7.30 9.27 2.21
CA LEU A 105 -8.59 9.92 2.12
C LEU A 105 -9.68 8.95 1.68
N VAL A 106 -9.26 7.86 1.04
CA VAL A 106 -10.24 6.96 0.43
C VAL A 106 -10.14 5.52 0.90
N ASN A 107 -9.20 5.23 1.79
CA ASN A 107 -8.98 3.84 2.17
C ASN A 107 -9.92 3.26 3.23
N GLY A 108 -9.72 1.97 3.52
CA GLY A 108 -10.59 1.29 4.47
C GLY A 108 -10.31 1.57 5.94
N GLY A 109 -9.25 2.31 6.19
CA GLY A 109 -8.85 2.63 7.54
C GLY A 109 -8.35 1.51 8.41
N THR A 110 -8.06 0.35 7.84
CA THR A 110 -7.61 -0.80 8.65
C THR A 110 -6.19 -0.59 9.12
N TRP A 111 -5.97 -0.81 10.43
CA TRP A 111 -4.67 -0.52 11.05
C TRP A 111 -4.04 -1.78 11.64
N THR A 112 -3.14 -2.42 10.89
CA THR A 112 -2.47 -3.64 11.37
C THR A 112 -1.01 -3.63 10.90
N ARG A 113 -0.19 -4.47 11.51
CA ARG A 113 1.22 -4.56 11.15
C ARG A 113 1.58 -5.92 10.59
N PRO A 114 2.71 -6.03 9.89
CA PRO A 114 3.11 -7.32 9.31
C PRO A 114 3.80 -8.26 10.30
N HIS A 115 4.36 -9.33 9.76
CA HIS A 115 5.08 -10.30 10.59
C HIS A 115 6.52 -9.84 10.77
N LYS A 116 7.04 -9.97 11.99
CA LYS A 116 8.41 -9.61 12.30
C LYS A 116 9.43 -10.09 11.28
N ALA A 117 9.30 -11.31 10.83
CA ALA A 117 10.27 -11.88 9.89
C ALA A 117 10.28 -11.18 8.54
N GLN A 118 9.12 -10.63 8.15
CA GLN A 118 9.02 -9.96 6.86
C GLN A 118 9.86 -8.69 6.90
N VAL A 119 9.68 -7.86 7.94
CA VAL A 119 10.45 -6.62 8.00
C VAL A 119 11.92 -6.95 8.26
N ASP A 120 12.19 -7.98 9.06
CA ASP A 120 13.58 -8.33 9.32
C ASP A 120 14.29 -8.67 8.02
N SER A 121 13.60 -9.29 7.07
CA SER A 121 14.26 -9.65 5.83
C SER A 121 14.67 -8.44 4.96
N TRP A 122 14.10 -7.27 5.21
CA TRP A 122 14.50 -6.08 4.45
C TRP A 122 15.96 -5.80 4.75
N GLU A 123 16.40 -6.17 5.94
CA GLU A 123 17.80 -5.97 6.33
C GLU A 123 18.68 -7.14 5.92
N THR A 124 18.22 -8.35 6.20
CA THR A 124 19.04 -9.55 5.95
C THR A 124 19.07 -10.08 4.51
N VAL A 125 17.99 -9.88 3.78
CA VAL A 125 17.91 -10.33 2.39
C VAL A 125 18.06 -9.16 1.44
N PHE A 126 17.46 -8.01 1.77
CA PHE A 126 17.52 -6.87 0.86
C PHE A 126 18.55 -5.79 1.23
N GLY A 127 19.49 -6.19 2.09
CA GLY A 127 20.61 -5.34 2.46
C GLY A 127 20.34 -3.93 2.86
N ASN A 128 19.25 -3.70 3.57
CA ASN A 128 18.93 -2.35 4.03
C ASN A 128 19.30 -2.27 5.50
N GLU A 129 20.50 -1.81 5.79
CA GLU A 129 20.95 -1.72 7.19
C GLU A 129 19.99 -0.88 8.03
N GLY A 130 19.60 -1.41 9.16
CA GLY A 130 18.74 -0.67 10.06
C GLY A 130 17.25 -0.86 9.82
N TRP A 131 16.90 -1.46 8.68
CA TRP A 131 15.48 -1.69 8.38
C TRP A 131 15.09 -3.10 8.81
N ASN A 132 14.78 -3.23 10.08
CA ASN A 132 14.34 -4.51 10.66
C ASN A 132 13.10 -4.28 11.48
N TRP A 133 12.46 -5.35 11.95
CA TRP A 133 11.25 -5.19 12.72
C TRP A 133 11.39 -4.29 13.93
N ASP A 134 12.41 -4.55 14.76
CA ASP A 134 12.57 -3.71 15.96
C ASP A 134 12.57 -2.20 15.68
N ASN A 135 13.36 -1.80 14.69
CA ASN A 135 13.47 -0.38 14.35
C ASN A 135 12.22 0.16 13.66
N VAL A 136 11.69 -0.57 12.68
CA VAL A 136 10.50 -0.08 11.98
C VAL A 136 9.31 -0.03 12.92
N ALA A 137 9.17 -1.07 13.76
CA ALA A 137 8.08 -1.08 14.74
C ALA A 137 8.20 0.11 15.70
N ALA A 138 9.42 0.44 16.13
CA ALA A 138 9.61 1.55 17.05
C ALA A 138 9.08 2.85 16.41
N TYR A 139 9.42 3.04 15.13
CA TYR A 139 8.96 4.22 14.40
C TYR A 139 7.42 4.17 14.26
N SER A 140 6.89 2.99 13.97
CA SER A 140 5.44 2.84 13.83
C SER A 140 4.72 3.20 15.13
N LEU A 141 5.26 2.73 16.28
CA LEU A 141 4.62 3.07 17.55
C LEU A 141 4.75 4.57 17.82
N GLN A 142 5.85 5.16 17.38
CA GLN A 142 6.09 6.60 17.54
C GLN A 142 5.02 7.39 16.77
N ALA A 143 4.68 6.89 15.58
CA ALA A 143 3.68 7.56 14.74
C ALA A 143 2.26 7.41 15.28
N GLU A 144 2.03 6.32 16.03
CA GLU A 144 0.71 5.94 16.52
C GLU A 144 0.17 6.62 17.78
N ARG A 145 -1.12 6.89 17.79
CA ARG A 145 -1.83 7.44 18.92
C ARG A 145 -3.10 6.58 19.06
N ALA A 146 -2.90 5.39 19.61
CA ALA A 146 -3.99 4.42 19.75
C ALA A 146 -4.80 4.51 21.03
N ARG A 147 -6.08 4.15 20.92
CA ARG A 147 -7.01 4.14 22.05
C ARG A 147 -7.40 2.69 22.31
N ALA A 148 -7.32 2.26 23.56
CA ALA A 148 -7.68 0.88 23.90
C ALA A 148 -9.21 0.75 23.79
N PRO A 149 -9.69 -0.47 23.53
CA PRO A 149 -11.13 -0.71 23.41
C PRO A 149 -11.85 -0.65 24.78
N ASN A 150 -13.10 -0.21 24.77
CA ASN A 150 -13.88 -0.17 26.00
C ASN A 150 -14.57 -1.51 26.18
N ALA A 151 -15.35 -1.67 27.24
CA ALA A 151 -16.01 -2.94 27.51
C ALA A 151 -16.90 -3.44 26.38
N LYS A 152 -17.66 -2.53 25.78
CA LYS A 152 -18.54 -2.89 24.65
C LYS A 152 -17.71 -3.45 23.51
N GLN A 153 -16.61 -2.77 23.22
CA GLN A 153 -15.77 -3.18 22.12
C GLN A 153 -15.04 -4.46 22.39
N ILE A 154 -14.65 -4.65 23.66
CA ILE A 154 -13.97 -5.90 24.04
C ILE A 154 -14.98 -7.06 23.93
N ALA A 155 -16.21 -6.83 24.39
CA ALA A 155 -17.23 -7.87 24.34
C ALA A 155 -17.51 -8.29 22.91
N ALA A 156 -17.31 -7.39 21.97
CA ALA A 156 -17.54 -7.67 20.55
C ALA A 156 -16.48 -8.60 19.99
N GLY A 157 -15.27 -8.57 20.56
CA GLY A 157 -14.21 -9.42 20.08
C GLY A 157 -12.84 -8.73 20.05
N HIS A 158 -12.76 -7.46 20.44
CA HIS A 158 -11.48 -6.76 20.41
C HIS A 158 -10.50 -7.24 21.48
N TYR A 159 -9.21 -7.25 21.14
CA TYR A 159 -8.15 -7.53 22.11
C TYR A 159 -7.01 -6.57 21.72
N PHE A 160 -6.55 -5.83 22.72
CA PHE A 160 -5.55 -4.82 22.54
C PHE A 160 -4.41 -5.00 23.53
N ASN A 161 -3.21 -5.31 23.03
CA ASN A 161 -2.03 -5.42 23.88
C ASN A 161 -1.33 -4.07 23.88
N ALA A 162 -1.48 -3.33 24.99
CA ALA A 162 -0.88 -2.01 25.13
C ALA A 162 0.61 -1.90 24.77
N SER A 163 1.36 -2.97 25.01
CA SER A 163 2.79 -3.01 24.70
C SER A 163 3.08 -2.86 23.23
N CYS A 164 2.09 -3.16 22.41
CA CYS A 164 2.26 -3.11 20.96
C CYS A 164 1.72 -1.85 20.32
N HIS A 165 1.37 -0.85 21.13
CA HIS A 165 0.84 0.38 20.58
C HIS A 165 1.36 1.66 21.21
N GLY A 166 1.54 2.66 20.36
CA GLY A 166 1.96 3.97 20.84
C GLY A 166 0.67 4.68 21.23
N VAL A 167 0.71 5.44 22.31
CA VAL A 167 -0.47 6.16 22.72
C VAL A 167 -0.19 7.65 22.69
N ASN A 168 1.07 8.01 22.45
CA ASN A 168 1.52 9.41 22.45
C ASN A 168 1.86 10.00 21.10
N GLY A 169 1.53 9.26 20.05
CA GLY A 169 1.84 9.71 18.71
C GLY A 169 0.94 10.72 18.03
N THR A 170 0.94 10.63 16.71
CA THR A 170 0.20 11.56 15.85
C THR A 170 -1.06 11.02 15.16
N VAL A 171 -0.98 9.79 14.67
CA VAL A 171 -2.12 9.19 13.97
C VAL A 171 -3.14 8.59 14.92
N HIS A 172 -4.31 9.21 14.99
CA HIS A 172 -5.36 8.74 15.90
C HIS A 172 -5.92 7.41 15.42
N ALA A 173 -5.89 6.39 16.27
CA ALA A 173 -6.39 5.06 15.86
C ALA A 173 -7.15 4.46 17.05
N GLY A 174 -8.24 3.76 16.75
CA GLY A 174 -9.03 3.17 17.81
C GLY A 174 -10.11 2.32 17.18
N PRO A 175 -10.98 1.72 17.98
CA PRO A 175 -12.02 0.90 17.37
C PRO A 175 -13.11 1.64 16.62
N ARG A 176 -13.46 1.15 15.41
CA ARG A 176 -14.59 1.72 14.71
C ARG A 176 -15.82 1.37 15.59
N ASP A 177 -16.69 2.35 15.85
CA ASP A 177 -17.88 2.10 16.65
C ASP A 177 -18.96 3.05 16.14
N THR A 178 -19.91 2.52 15.37
CA THR A 178 -20.98 3.35 14.81
C THR A 178 -22.08 3.68 15.79
N GLY A 179 -22.00 3.12 17.00
CA GLY A 179 -23.03 3.38 18.00
C GLY A 179 -24.04 2.27 18.18
N ASP A 180 -24.18 1.38 17.22
CA ASP A 180 -25.16 0.32 17.41
C ASP A 180 -24.51 -0.93 17.98
N ASP A 181 -25.28 -1.97 18.21
CA ASP A 181 -24.73 -3.21 18.75
C ASP A 181 -23.75 -3.82 17.77
N TYR A 182 -22.76 -4.51 18.32
CA TYR A 182 -21.81 -5.25 17.47
C TYR A 182 -22.45 -6.58 17.09
N SER A 183 -22.27 -6.97 15.85
CA SER A 183 -22.82 -8.23 15.39
C SER A 183 -22.13 -9.42 16.02
N PRO A 184 -22.92 -10.45 16.41
CA PRO A 184 -22.34 -11.66 17.01
C PRO A 184 -21.62 -12.52 15.95
N ILE A 185 -21.71 -12.10 14.68
CA ILE A 185 -21.06 -12.86 13.63
C ILE A 185 -19.53 -12.82 13.77
N VAL A 186 -18.98 -11.72 14.28
CA VAL A 186 -17.51 -11.68 14.44
C VAL A 186 -17.07 -12.82 15.36
N LYS A 187 -17.70 -12.93 16.53
CA LYS A 187 -17.33 -14.02 17.42
C LYS A 187 -17.70 -15.40 16.85
N ALA A 188 -18.72 -15.45 16.00
CA ALA A 188 -19.08 -16.72 15.36
C ALA A 188 -17.95 -17.16 14.44
N LEU A 189 -17.33 -16.20 13.73
CA LEU A 189 -16.23 -16.53 12.84
C LEU A 189 -15.02 -17.01 13.67
N MET A 190 -14.78 -16.35 14.81
CA MET A 190 -13.69 -16.78 15.68
C MET A 190 -13.92 -18.22 16.14
N SER A 191 -15.15 -18.53 16.55
CA SER A 191 -15.44 -19.90 16.97
C SER A 191 -15.25 -20.89 15.82
N ALA A 192 -15.70 -20.52 14.61
CA ALA A 192 -15.56 -21.41 13.47
C ALA A 192 -14.11 -21.75 13.17
N VAL A 193 -13.21 -20.77 13.29
CA VAL A 193 -11.82 -21.09 13.01
C VAL A 193 -11.15 -21.77 14.22
N GLU A 194 -11.67 -21.51 15.40
CA GLU A 194 -11.10 -22.17 16.59
C GLU A 194 -11.39 -23.67 16.50
N ASP A 195 -12.51 -24.04 15.88
CA ASP A 195 -12.85 -25.46 15.73
C ASP A 195 -11.81 -26.13 14.83
N ARG A 196 -11.11 -25.32 14.03
CA ARG A 196 -10.11 -25.85 13.11
C ARG A 196 -8.69 -25.69 13.66
N GLY A 197 -8.57 -25.25 14.90
CA GLY A 197 -7.27 -25.07 15.51
C GLY A 197 -6.57 -23.76 15.18
N VAL A 198 -7.31 -22.82 14.61
CA VAL A 198 -6.75 -21.53 14.23
C VAL A 198 -6.85 -20.55 15.39
N PRO A 199 -5.78 -19.75 15.64
CA PRO A 199 -5.85 -18.79 16.73
C PRO A 199 -6.82 -17.66 16.49
N THR A 200 -7.21 -16.99 17.56
CA THR A 200 -8.12 -15.86 17.50
C THR A 200 -7.72 -14.80 18.52
N LYS A 201 -8.10 -13.56 18.23
CA LYS A 201 -7.86 -12.42 19.09
C LYS A 201 -6.41 -12.02 19.30
N LYS A 202 -5.51 -12.46 18.43
CA LYS A 202 -4.14 -11.98 18.53
C LYS A 202 -4.21 -10.50 18.15
N ASP A 203 -3.34 -9.69 18.71
CA ASP A 203 -3.28 -8.26 18.39
C ASP A 203 -2.42 -8.17 17.13
N PHE A 204 -3.04 -7.81 16.01
CA PHE A 204 -2.35 -7.72 14.74
C PHE A 204 -1.29 -6.61 14.63
N GLY A 205 -1.05 -5.90 15.71
CA GLY A 205 -0.01 -4.87 15.70
C GLY A 205 1.26 -5.35 16.43
N CYS A 206 1.28 -6.61 16.88
CA CYS A 206 2.39 -7.14 17.66
C CYS A 206 3.49 -7.89 16.95
N GLY A 207 3.31 -8.21 15.66
CA GLY A 207 4.33 -8.90 14.92
C GLY A 207 4.09 -10.34 14.48
N ASP A 208 2.90 -10.88 14.77
CA ASP A 208 2.56 -12.23 14.33
C ASP A 208 1.08 -12.25 13.95
N PRO A 209 0.74 -11.59 12.83
CA PRO A 209 -0.66 -11.52 12.40
C PRO A 209 -1.14 -12.85 11.80
N HIS A 210 -1.92 -13.55 12.62
CA HIS A 210 -2.40 -14.89 12.26
C HIS A 210 -3.70 -15.16 13.00
N GLY A 211 -4.69 -15.72 12.27
CA GLY A 211 -5.97 -16.05 12.87
C GLY A 211 -7.00 -14.98 12.67
N VAL A 212 -8.11 -15.06 13.41
CA VAL A 212 -9.21 -14.10 13.30
C VAL A 212 -9.25 -13.12 14.45
N SER A 213 -9.17 -11.83 14.11
CA SER A 213 -9.22 -10.77 15.13
C SER A 213 -9.91 -9.53 14.56
N MET A 214 -10.32 -8.68 15.48
CA MET A 214 -10.81 -7.35 15.15
C MET A 214 -9.55 -6.51 15.22
N PHE A 215 -9.68 -5.21 14.96
CA PHE A 215 -8.51 -4.35 14.92
C PHE A 215 -8.86 -2.87 15.03
N PRO A 216 -7.85 -2.02 15.26
CA PRO A 216 -8.14 -0.57 15.34
C PRO A 216 -8.35 -0.04 13.90
N ASN A 217 -8.89 1.16 13.83
CA ASN A 217 -9.07 1.83 12.55
C ASN A 217 -8.47 3.23 12.72
N THR A 218 -8.11 3.84 11.59
CA THR A 218 -7.57 5.20 11.61
C THR A 218 -8.72 6.21 11.64
N LEU A 219 -9.21 6.49 12.83
CA LEU A 219 -10.25 7.45 13.06
C LEU A 219 -10.15 7.97 14.48
N HIS A 220 -10.67 9.20 14.70
CA HIS A 220 -10.67 9.75 16.06
C HIS A 220 -11.80 9.10 16.82
N GLU A 221 -11.89 9.37 18.13
CA GLU A 221 -12.95 8.78 18.93
C GLU A 221 -14.33 9.16 18.41
N ASP A 222 -14.43 10.36 17.86
CA ASP A 222 -15.72 10.82 17.31
C ASP A 222 -16.03 10.19 15.94
N GLN A 223 -15.16 9.26 15.55
CA GLN A 223 -15.27 8.46 14.30
C GLN A 223 -14.88 9.17 13.00
N VAL A 224 -14.25 10.34 13.10
CA VAL A 224 -13.79 11.09 11.92
C VAL A 224 -12.50 10.47 11.43
N ARG A 225 -12.47 10.16 10.14
CA ARG A 225 -11.30 9.57 9.50
C ARG A 225 -9.98 10.30 9.80
N SER A 226 -8.99 9.54 10.24
CA SER A 226 -7.68 10.11 10.53
C SER A 226 -6.82 10.12 9.26
N ASP A 227 -7.25 10.90 8.27
CA ASP A 227 -6.45 10.93 7.02
C ASP A 227 -5.14 11.69 7.30
N ALA A 228 -4.12 11.44 6.50
CA ALA A 228 -2.81 12.04 6.75
C ALA A 228 -2.79 13.56 6.75
N ALA A 229 -3.68 14.20 5.99
CA ALA A 229 -3.69 15.67 6.03
C ALA A 229 -4.29 16.12 7.38
N ARG A 230 -5.35 15.47 7.84
CA ARG A 230 -5.93 15.86 9.13
C ARG A 230 -4.93 15.59 10.27
N GLU A 231 -4.13 14.53 10.15
CA GLU A 231 -3.24 14.18 11.26
C GLU A 231 -1.91 14.91 11.25
N TRP A 232 -1.33 15.14 10.06
CA TRP A 232 -0.03 15.76 9.93
C TRP A 232 0.00 17.18 9.39
N LEU A 233 -1.03 17.59 8.64
CA LEU A 233 -1.02 18.94 8.09
C LEU A 233 -1.90 19.91 8.85
N LEU A 234 -3.12 19.51 9.19
CA LEU A 234 -4.06 20.39 9.90
C LEU A 234 -3.49 20.97 11.20
N PRO A 235 -2.78 20.17 12.02
CA PRO A 235 -2.25 20.75 13.26
C PRO A 235 -1.09 21.69 13.04
N ASN A 236 -0.50 21.64 11.86
CA ASN A 236 0.73 22.38 11.57
C ASN A 236 0.73 23.38 10.41
N TYR A 237 -0.41 23.63 9.81
CA TYR A 237 -0.46 24.47 8.62
C TYR A 237 -0.01 25.92 8.83
N GLN A 238 -0.01 26.39 10.08
CA GLN A 238 0.40 27.78 10.32
C GLN A 238 1.91 27.96 10.35
N ARG A 239 2.68 26.89 10.20
CA ARG A 239 4.12 27.00 10.17
C ARG A 239 4.50 27.81 8.94
N PRO A 240 5.21 28.92 9.11
CA PRO A 240 5.62 29.74 7.97
C PRO A 240 6.51 29.03 6.97
N ASN A 241 7.30 28.08 7.45
CA ASN A 241 8.25 27.37 6.62
C ASN A 241 7.63 26.18 5.84
N LEU A 242 6.34 25.96 6.01
CA LEU A 242 5.66 24.86 5.33
C LEU A 242 4.66 25.42 4.32
N GLN A 243 4.94 25.22 3.04
CA GLN A 243 4.05 25.70 1.99
C GLN A 243 3.48 24.52 1.22
N VAL A 244 2.20 24.62 0.86
CA VAL A 244 1.53 23.55 0.12
C VAL A 244 0.84 24.11 -1.12
N LEU A 245 1.31 23.70 -2.29
CA LEU A 245 0.70 24.12 -3.56
C LEU A 245 -0.21 22.98 -4.04
N THR A 246 -1.48 23.30 -4.24
CA THR A 246 -2.45 22.32 -4.68
C THR A 246 -2.83 22.50 -6.15
N GLY A 247 -3.46 21.47 -6.71
CA GLY A 247 -3.94 21.52 -8.07
C GLY A 247 -2.87 21.46 -9.14
N GLN A 248 -1.65 21.04 -8.81
CA GLN A 248 -0.59 20.99 -9.81
C GLN A 248 0.14 19.66 -9.77
N TYR A 249 0.60 19.19 -10.93
CA TYR A 249 1.35 17.95 -11.02
C TYR A 249 2.83 18.23 -11.18
N VAL A 250 3.66 17.49 -10.44
CA VAL A 250 5.08 17.57 -10.66
C VAL A 250 5.29 16.71 -11.93
N GLY A 251 5.91 17.27 -12.96
CA GLY A 251 6.13 16.54 -14.18
C GLY A 251 7.43 15.79 -14.20
N LYS A 252 8.51 16.46 -13.79
CA LYS A 252 9.83 15.84 -13.78
C LYS A 252 10.77 16.56 -12.83
N VAL A 253 11.88 15.88 -12.57
CA VAL A 253 12.93 16.42 -11.69
C VAL A 253 13.93 17.12 -12.60
N LEU A 254 14.32 18.34 -12.21
CA LEU A 254 15.31 19.12 -12.94
C LEU A 254 16.69 18.62 -12.48
N LEU A 255 17.56 18.27 -13.43
CA LEU A 255 18.88 17.75 -13.12
C LEU A 255 20.00 18.60 -13.66
N SER A 256 21.05 18.73 -12.88
CA SER A 256 22.22 19.45 -13.35
C SER A 256 23.20 18.34 -13.62
N GLN A 257 23.83 18.37 -14.79
CA GLN A 257 24.82 17.36 -15.15
C GLN A 257 26.15 18.05 -15.36
N ASN A 258 26.30 19.22 -14.76
CA ASN A 258 27.53 19.99 -14.91
C ASN A 258 28.59 19.52 -13.92
N GLY A 259 28.18 18.72 -12.95
CA GLY A 259 29.10 18.19 -11.96
C GLY A 259 29.45 16.75 -12.24
N THR A 260 30.10 16.10 -11.29
CA THR A 260 30.52 14.70 -11.45
C THR A 260 29.31 13.75 -11.59
N THR A 261 28.39 13.88 -10.65
CA THR A 261 27.21 13.03 -10.61
C THR A 261 25.99 13.91 -10.82
N PRO A 262 24.97 13.42 -11.53
CA PRO A 262 23.79 14.26 -11.72
C PRO A 262 23.21 14.68 -10.37
N ARG A 263 22.73 15.91 -10.29
CA ARG A 263 22.14 16.41 -9.08
C ARG A 263 20.74 16.97 -9.30
N ALA A 264 19.81 16.60 -8.42
CA ALA A 264 18.46 17.11 -8.54
C ALA A 264 18.49 18.53 -7.99
N VAL A 265 18.13 19.50 -8.83
CA VAL A 265 18.16 20.91 -8.38
C VAL A 265 16.77 21.53 -8.22
N GLY A 266 15.73 20.79 -8.62
CA GLY A 266 14.37 21.31 -8.51
C GLY A 266 13.41 20.42 -9.29
N VAL A 267 12.21 20.93 -9.54
CA VAL A 267 11.21 20.18 -10.31
C VAL A 267 10.46 21.11 -11.25
N GLU A 268 9.91 20.53 -12.30
CA GLU A 268 9.04 21.27 -13.23
C GLU A 268 7.64 20.80 -12.85
N PHE A 269 6.67 21.69 -12.82
CA PHE A 269 5.30 21.31 -12.48
C PHE A 269 4.32 22.07 -13.36
N GLY A 270 3.08 21.60 -13.39
CA GLY A 270 2.06 22.25 -14.19
C GLY A 270 0.92 21.27 -14.42
N THR A 271 0.07 21.57 -15.39
CA THR A 271 -1.04 20.68 -15.71
C THR A 271 -1.11 20.38 -17.20
N HIS A 272 -0.34 21.12 -18.00
CA HIS A 272 -0.33 20.87 -19.44
C HIS A 272 0.97 21.31 -20.09
N LYS A 273 1.39 20.57 -21.11
CA LYS A 273 2.60 20.87 -21.87
C LYS A 273 2.52 22.31 -22.38
N GLY A 274 3.64 23.00 -22.33
CA GLY A 274 3.66 24.37 -22.83
C GLY A 274 3.37 25.46 -21.80
N ASN A 275 2.85 25.10 -20.64
CA ASN A 275 2.61 26.07 -19.59
C ASN A 275 3.09 25.46 -18.27
N THR A 276 4.39 25.27 -18.19
CA THR A 276 4.99 24.68 -17.00
C THR A 276 5.78 25.72 -16.23
N HIS A 277 6.19 25.34 -15.02
CA HIS A 277 6.91 26.22 -14.13
C HIS A 277 7.98 25.44 -13.41
N ASN A 278 9.07 26.12 -13.04
CA ASN A 278 10.14 25.48 -12.29
C ASN A 278 10.21 26.06 -10.90
N VAL A 279 10.62 25.24 -9.94
CA VAL A 279 10.84 25.69 -8.56
C VAL A 279 12.06 24.87 -8.13
N TYR A 280 12.93 25.48 -7.31
CA TYR A 280 14.18 24.85 -6.98
C TYR A 280 14.36 24.45 -5.54
N ALA A 281 15.20 23.43 -5.31
CA ALA A 281 15.49 22.93 -3.99
C ALA A 281 16.97 23.09 -3.67
N LYS A 282 17.24 23.75 -2.54
CA LYS A 282 18.62 23.94 -2.12
C LYS A 282 19.24 22.62 -1.61
N HIS A 283 18.41 21.79 -0.97
CA HIS A 283 18.90 20.53 -0.45
C HIS A 283 18.47 19.32 -1.27
N GLU A 284 17.18 18.99 -1.26
CA GLU A 284 16.76 17.78 -2.00
C GLU A 284 15.34 17.83 -2.55
N VAL A 285 15.12 16.97 -3.55
CA VAL A 285 13.79 16.76 -4.15
C VAL A 285 13.39 15.35 -3.64
N LEU A 286 12.18 15.27 -3.12
CA LEU A 286 11.68 14.03 -2.51
C LEU A 286 10.38 13.64 -3.24
N LEU A 287 10.41 12.47 -3.86
CA LEU A 287 9.23 12.01 -4.61
C LEU A 287 8.31 11.17 -3.74
N ALA A 288 7.05 11.57 -3.64
CA ALA A 288 6.08 10.89 -2.79
C ALA A 288 4.72 10.91 -3.48
N ALA A 289 4.75 10.71 -4.80
CA ALA A 289 3.52 10.78 -5.58
C ALA A 289 2.76 9.47 -5.67
N GLY A 290 3.28 8.43 -5.00
CA GLY A 290 2.63 7.13 -4.98
C GLY A 290 3.35 6.16 -5.88
N SER A 291 3.17 4.86 -5.59
CA SER A 291 3.85 3.81 -6.35
C SER A 291 3.53 3.75 -7.85
N ALA A 292 2.39 4.25 -8.27
CA ALA A 292 2.09 4.27 -9.70
C ALA A 292 2.72 5.47 -10.39
N VAL A 293 3.16 6.47 -9.63
CA VAL A 293 3.62 7.74 -10.24
C VAL A 293 5.08 8.13 -10.02
N SER A 294 5.62 7.99 -8.81
CA SER A 294 7.01 8.32 -8.60
C SER A 294 7.95 7.70 -9.64
N PRO A 295 7.75 6.41 -9.97
CA PRO A 295 8.65 5.87 -10.98
C PRO A 295 8.47 6.63 -12.33
N THR A 296 7.23 7.01 -12.70
CA THR A 296 7.09 7.75 -13.95
C THR A 296 7.79 9.10 -13.89
N ILE A 297 7.75 9.75 -12.72
CA ILE A 297 8.42 11.05 -12.61
C ILE A 297 9.92 10.83 -12.91
N LEU A 298 10.48 9.74 -12.38
CA LEU A 298 11.87 9.46 -12.67
C LEU A 298 12.11 9.27 -14.18
N GLU A 299 11.29 8.43 -14.81
CA GLU A 299 11.46 8.20 -16.25
C GLU A 299 11.36 9.49 -17.07
N TYR A 300 10.39 10.35 -16.74
CA TYR A 300 10.24 11.60 -17.49
C TYR A 300 11.48 12.46 -17.35
N SER A 301 12.21 12.24 -16.25
CA SER A 301 13.43 13.00 -15.93
C SER A 301 14.68 12.42 -16.56
N GLY A 302 14.57 11.27 -17.21
CA GLY A 302 15.78 10.65 -17.75
C GLY A 302 16.41 9.61 -16.82
N ILE A 303 15.68 9.18 -15.79
CA ILE A 303 16.17 8.16 -14.85
C ILE A 303 15.30 6.92 -15.04
N GLY A 304 15.88 5.91 -15.67
CA GLY A 304 15.12 4.71 -15.98
C GLY A 304 15.87 3.88 -17.00
N MET A 305 15.17 2.95 -17.63
CA MET A 305 15.85 2.07 -18.57
C MET A 305 15.94 2.64 -19.96
N LYS A 306 17.15 2.62 -20.52
CA LYS A 306 17.35 3.14 -21.88
C LYS A 306 16.40 2.54 -22.89
N SER A 307 16.10 1.24 -22.75
CA SER A 307 15.19 0.57 -23.68
C SER A 307 13.78 1.13 -23.64
N ILE A 308 13.44 1.79 -22.55
CA ILE A 308 12.14 2.42 -22.37
C ILE A 308 12.20 3.88 -22.79
N LEU A 309 13.22 4.57 -22.32
CA LEU A 309 13.36 6.00 -22.59
C LEU A 309 13.73 6.42 -24.01
N GLU A 310 14.67 5.70 -24.60
CA GLU A 310 15.13 6.08 -25.95
C GLU A 310 14.04 6.15 -27.01
N PRO A 311 13.17 5.13 -27.08
CA PRO A 311 12.11 5.19 -28.09
C PRO A 311 11.13 6.34 -27.90
N LEU A 312 11.06 6.88 -26.69
CA LEU A 312 10.16 7.99 -26.40
C LEU A 312 10.81 9.35 -26.62
N GLY A 313 12.10 9.34 -26.96
CA GLY A 313 12.81 10.58 -27.19
C GLY A 313 13.44 11.17 -25.95
N ILE A 314 13.55 10.38 -24.90
CA ILE A 314 14.12 10.87 -23.64
C ILE A 314 15.57 10.39 -23.48
N ASP A 315 16.46 11.33 -23.16
CA ASP A 315 17.84 10.98 -22.97
C ASP A 315 17.99 10.29 -21.61
N THR A 316 18.69 9.15 -21.59
CA THR A 316 18.90 8.41 -20.35
C THR A 316 20.09 8.99 -19.62
N VAL A 317 19.83 9.69 -18.52
CA VAL A 317 20.88 10.31 -17.70
C VAL A 317 21.44 9.28 -16.72
N VAL A 318 20.55 8.50 -16.09
CA VAL A 318 20.98 7.44 -15.18
C VAL A 318 20.13 6.23 -15.54
N ASP A 319 20.79 5.11 -15.85
CA ASP A 319 20.07 3.92 -16.24
C ASP A 319 19.84 3.02 -15.03
N LEU A 320 18.56 2.83 -14.70
CA LEU A 320 18.15 2.02 -13.54
C LEU A 320 16.87 1.31 -13.93
N PRO A 321 16.57 0.18 -13.27
CA PRO A 321 15.35 -0.60 -13.57
C PRO A 321 14.11 0.00 -12.90
N VAL A 322 13.86 1.26 -13.21
CA VAL A 322 12.75 2.00 -12.64
C VAL A 322 11.45 1.44 -13.22
N GLY A 323 10.45 1.30 -12.34
CA GLY A 323 9.15 0.84 -12.75
C GLY A 323 8.96 -0.66 -12.75
N LEU A 324 10.01 -1.44 -12.50
CA LEU A 324 9.84 -2.89 -12.44
C LEU A 324 9.54 -3.29 -11.00
N ASN A 325 9.29 -4.58 -10.82
CA ASN A 325 9.05 -5.17 -9.51
C ASN A 325 7.72 -4.74 -8.85
N LEU A 326 6.74 -4.35 -9.67
CA LEU A 326 5.45 -3.92 -9.17
C LEU A 326 4.74 -5.10 -8.56
N GLN A 327 4.31 -4.93 -7.33
CA GLN A 327 3.62 -5.99 -6.59
C GLN A 327 2.31 -5.53 -5.97
N ASP A 328 1.18 -5.92 -6.59
CA ASP A 328 -0.14 -5.63 -6.06
C ASP A 328 -0.87 -6.99 -5.96
N GLN A 329 -1.84 -7.03 -5.06
CA GLN A 329 -2.64 -8.22 -4.79
C GLN A 329 -3.97 -8.20 -5.56
N THR A 330 -4.56 -9.38 -5.65
CA THR A 330 -5.87 -9.58 -6.30
C THR A 330 -6.91 -9.82 -5.23
N THR A 331 -8.07 -9.23 -5.39
CA THR A 331 -9.14 -9.39 -4.42
C THR A 331 -10.43 -9.92 -5.03
N ALA A 332 -11.08 -10.88 -4.33
CA ALA A 332 -12.35 -11.43 -4.79
C ALA A 332 -13.33 -11.40 -3.60
N THR A 333 -14.62 -11.52 -3.87
CA THR A 333 -15.65 -11.43 -2.86
C THR A 333 -16.54 -12.64 -2.68
N VAL A 334 -16.87 -12.95 -1.42
CA VAL A 334 -17.88 -13.97 -1.10
C VAL A 334 -18.81 -13.24 -0.16
N ARG A 335 -20.11 -13.21 -0.50
CA ARG A 335 -21.08 -12.47 0.29
C ARG A 335 -22.33 -13.32 0.49
N SER A 336 -22.87 -13.28 1.69
CA SER A 336 -24.09 -14.05 2.02
C SER A 336 -25.05 -13.22 2.82
N ARG A 337 -26.33 -13.58 2.69
CA ARG A 337 -27.42 -12.98 3.44
C ARG A 337 -27.26 -13.49 4.88
N ILE A 338 -27.75 -12.74 5.86
CA ILE A 338 -27.71 -13.20 7.23
C ILE A 338 -29.10 -13.07 7.86
N THR A 339 -29.29 -13.77 8.98
CA THR A 339 -30.56 -13.73 9.71
C THR A 339 -30.59 -12.44 10.56
N SER A 340 -31.77 -12.01 11.03
CA SER A 340 -31.75 -10.78 11.83
C SER A 340 -30.99 -10.98 13.11
N ALA A 341 -30.83 -12.22 13.52
CA ALA A 341 -30.09 -12.45 14.75
C ALA A 341 -28.65 -11.97 14.58
N GLY A 342 -28.17 -11.93 13.34
CA GLY A 342 -26.80 -11.50 13.08
C GLY A 342 -26.62 -10.02 12.87
N ALA A 343 -27.68 -9.25 13.09
CA ALA A 343 -27.62 -7.80 12.89
C ALA A 343 -26.55 -7.14 13.78
N GLY A 344 -26.04 -6.00 13.30
CA GLY A 344 -25.05 -5.27 14.06
C GLY A 344 -23.83 -4.87 13.24
N GLN A 345 -23.01 -4.00 13.81
CA GLN A 345 -21.80 -3.55 13.15
C GLN A 345 -20.62 -4.47 13.43
N GLY A 346 -19.51 -4.26 12.72
CA GLY A 346 -18.31 -5.03 12.98
C GLY A 346 -17.52 -5.55 11.79
N GLN A 347 -16.21 -5.41 11.87
CA GLN A 347 -15.31 -5.96 10.88
C GLN A 347 -14.29 -6.85 11.60
N ALA A 348 -13.76 -7.83 10.88
CA ALA A 348 -12.70 -8.67 11.42
C ALA A 348 -11.96 -9.22 10.25
N ALA A 349 -10.84 -9.87 10.49
CA ALA A 349 -10.10 -10.47 9.37
C ALA A 349 -9.39 -11.75 9.81
N TRP A 350 -9.36 -12.72 8.91
CA TRP A 350 -8.64 -13.93 9.13
C TRP A 350 -7.33 -13.81 8.33
N PHE A 351 -6.20 -13.70 9.03
CA PHE A 351 -4.90 -13.73 8.40
C PHE A 351 -4.55 -15.21 8.43
N ALA A 352 -4.73 -15.84 7.28
CA ALA A 352 -4.61 -17.28 7.13
C ALA A 352 -3.27 -17.70 6.57
N THR A 353 -2.66 -18.71 7.19
CA THR A 353 -1.38 -19.18 6.75
C THR A 353 -1.53 -19.92 5.44
N PHE A 354 -0.40 -20.29 4.86
CA PHE A 354 -0.39 -21.03 3.59
C PHE A 354 -1.22 -22.34 3.70
N ASN A 355 -0.99 -23.11 4.77
CA ASN A 355 -1.72 -24.36 4.91
C ASN A 355 -3.19 -24.17 5.26
N GLU A 356 -3.50 -23.11 5.99
CA GLU A 356 -4.91 -22.82 6.28
C GLU A 356 -5.61 -22.46 4.96
N THR A 357 -4.90 -21.74 4.10
CA THR A 357 -5.44 -21.29 2.82
C THR A 357 -5.68 -22.46 1.87
N PHE A 358 -4.67 -23.32 1.73
CA PHE A 358 -4.77 -24.45 0.79
C PHE A 358 -5.44 -25.72 1.30
N GLY A 359 -5.53 -25.89 2.60
CA GLY A 359 -6.19 -27.07 3.14
C GLY A 359 -5.55 -28.37 2.67
N ASP A 360 -6.35 -29.27 2.13
CA ASP A 360 -5.76 -30.54 1.70
C ASP A 360 -4.97 -30.44 0.41
N TYR A 361 -4.91 -29.24 -0.18
CA TYR A 361 -4.09 -29.06 -1.38
C TYR A 361 -2.71 -28.54 -0.94
N SER A 362 -2.51 -28.44 0.37
CA SER A 362 -1.24 -27.91 0.91
C SER A 362 -0.01 -28.63 0.40
N GLU A 363 -0.03 -29.96 0.39
CA GLU A 363 1.13 -30.69 -0.10
C GLU A 363 1.50 -30.33 -1.52
N LYS A 364 0.48 -30.32 -2.39
CA LYS A 364 0.70 -30.02 -3.80
C LYS A 364 1.15 -28.56 -4.01
N ALA A 365 0.59 -27.64 -3.24
CA ALA A 365 0.98 -26.23 -3.35
C ALA A 365 2.43 -26.08 -2.87
N HIS A 366 2.80 -26.79 -1.81
CA HIS A 366 4.17 -26.73 -1.31
C HIS A 366 5.13 -27.32 -2.34
N GLU A 367 4.68 -28.33 -3.06
CA GLU A 367 5.56 -28.90 -4.07
C GLU A 367 5.88 -27.87 -5.17
N LEU A 368 4.88 -27.05 -5.54
CA LEU A 368 5.13 -26.00 -6.54
C LEU A 368 6.10 -24.98 -5.97
N LEU A 369 5.84 -24.57 -4.73
CA LEU A 369 6.69 -23.59 -4.05
C LEU A 369 8.12 -24.08 -3.96
N ASN A 370 8.28 -25.40 -3.80
CA ASN A 370 9.61 -25.98 -3.69
C ASN A 370 10.36 -26.17 -4.97
N THR A 371 9.64 -26.38 -6.06
CA THR A 371 10.28 -26.73 -7.33
C THR A 371 10.21 -25.77 -8.52
N LYS A 372 9.31 -24.80 -8.47
CA LYS A 372 9.11 -23.93 -9.63
C LYS A 372 9.69 -22.51 -9.56
N LEU A 373 10.44 -22.19 -8.51
CA LEU A 373 10.91 -20.81 -8.35
C LEU A 373 11.76 -20.28 -9.49
N GLU A 374 12.68 -21.10 -9.99
CA GLU A 374 13.52 -20.60 -11.08
C GLU A 374 12.70 -20.40 -12.35
N GLN A 375 11.83 -21.38 -12.66
CA GLN A 375 10.98 -21.28 -13.84
C GLN A 375 10.10 -20.02 -13.75
N TRP A 376 9.50 -19.80 -12.58
CA TRP A 376 8.64 -18.62 -12.40
C TRP A 376 9.42 -17.32 -12.58
N ALA A 377 10.65 -17.30 -12.06
CA ALA A 377 11.44 -16.07 -12.15
C ALA A 377 11.81 -15.79 -13.60
N GLU A 378 12.19 -16.83 -14.33
CA GLU A 378 12.53 -16.64 -15.75
C GLU A 378 11.31 -16.12 -16.49
N GLU A 379 10.14 -16.69 -16.20
CA GLU A 379 8.92 -16.30 -16.91
C GLU A 379 8.53 -14.86 -16.59
N ALA A 380 8.67 -14.46 -15.32
CA ALA A 380 8.31 -13.08 -14.97
C ALA A 380 9.27 -12.08 -15.64
N VAL A 381 10.57 -12.40 -15.66
CA VAL A 381 11.53 -11.53 -16.32
C VAL A 381 11.20 -11.43 -17.81
N ALA A 382 10.79 -12.54 -18.44
CA ALA A 382 10.50 -12.51 -19.87
C ALA A 382 9.30 -11.62 -20.14
N ARG A 383 8.42 -11.50 -19.14
CA ARG A 383 7.22 -10.65 -19.28
C ARG A 383 7.56 -9.20 -18.96
N GLY A 384 8.79 -8.90 -18.58
CA GLY A 384 9.14 -7.53 -18.25
C GLY A 384 8.79 -7.05 -16.84
N GLY A 385 8.47 -7.97 -15.94
CA GLY A 385 8.14 -7.60 -14.58
C GLY A 385 9.39 -7.37 -13.76
N PHE A 386 10.54 -7.78 -14.28
CA PHE A 386 11.81 -7.64 -13.57
C PHE A 386 12.91 -7.87 -14.57
N HIS A 387 14.13 -7.43 -14.29
CA HIS A 387 15.19 -7.59 -15.28
C HIS A 387 16.27 -8.63 -14.98
N ASN A 388 16.46 -8.94 -13.71
CA ASN A 388 17.51 -9.87 -13.28
C ASN A 388 16.90 -11.12 -12.64
N THR A 389 16.98 -12.23 -13.37
CA THR A 389 16.39 -13.49 -12.92
C THR A 389 16.91 -13.99 -11.58
N THR A 390 18.23 -13.93 -11.38
CA THR A 390 18.81 -14.41 -10.13
C THR A 390 18.31 -13.60 -8.97
N ALA A 391 18.23 -12.28 -9.18
CA ALA A 391 17.75 -11.39 -8.13
C ALA A 391 16.28 -11.63 -7.80
N LEU A 392 15.48 -11.97 -8.83
CA LEU A 392 14.08 -12.25 -8.57
C LEU A 392 13.96 -13.57 -7.84
N LEU A 393 14.80 -14.53 -8.21
CA LEU A 393 14.80 -15.82 -7.51
C LEU A 393 15.05 -15.64 -6.02
N ILE A 394 15.94 -14.72 -5.68
CA ILE A 394 16.19 -14.44 -4.26
C ILE A 394 14.93 -13.94 -3.56
N GLN A 395 14.14 -13.09 -4.23
CA GLN A 395 12.88 -12.64 -3.63
C GLN A 395 11.95 -13.84 -3.41
N TYR A 396 11.90 -14.72 -4.40
CA TYR A 396 11.02 -15.88 -4.30
C TYR A 396 11.44 -16.83 -3.18
N GLU A 397 12.75 -17.02 -3.01
CA GLU A 397 13.23 -17.88 -1.93
C GLU A 397 12.98 -17.23 -0.59
N ASN A 398 12.96 -15.91 -0.53
CA ASN A 398 12.66 -15.19 0.70
C ASN A 398 11.18 -15.46 1.07
N TYR A 399 10.29 -15.39 0.07
CA TYR A 399 8.89 -15.67 0.32
C TYR A 399 8.74 -17.13 0.78
N ARG A 400 9.47 -18.03 0.14
CA ARG A 400 9.38 -19.43 0.54
C ARG A 400 9.84 -19.57 2.01
N ASP A 401 10.92 -18.89 2.35
N ASP A 401 10.91 -18.85 2.36
CA ASP A 401 11.40 -18.93 3.72
CA ASP A 401 11.42 -18.88 3.73
C ASP A 401 10.36 -18.36 4.70
C ASP A 401 10.34 -18.41 4.68
N TRP A 402 9.69 -17.28 4.32
CA TRP A 402 8.65 -16.76 5.17
C TRP A 402 7.55 -17.81 5.43
N ILE A 403 7.17 -18.51 4.35
CA ILE A 403 6.10 -19.48 4.44
C ILE A 403 6.52 -20.75 5.19
N VAL A 404 7.67 -21.30 4.83
CA VAL A 404 8.06 -22.59 5.43
C VAL A 404 8.78 -22.50 6.72
N ASN A 405 9.48 -21.39 6.98
CA ASN A 405 10.20 -21.27 8.25
C ASN A 405 9.60 -20.35 9.29
N HIS A 406 8.68 -19.50 8.84
CA HIS A 406 8.02 -18.60 9.77
C HIS A 406 6.49 -18.68 9.79
N ASN A 407 5.95 -19.47 8.88
CA ASN A 407 4.52 -19.68 8.75
C ASN A 407 3.74 -18.36 8.75
N VAL A 408 4.21 -17.40 7.93
CA VAL A 408 3.51 -16.11 7.90
C VAL A 408 2.17 -16.24 7.19
N ALA A 409 1.28 -15.29 7.49
CA ALA A 409 -0.04 -15.26 6.83
C ALA A 409 0.17 -15.10 5.33
N TYR A 410 -0.56 -15.92 4.57
CA TYR A 410 -0.45 -15.97 3.14
C TYR A 410 -1.65 -15.31 2.47
N SER A 411 -2.81 -15.37 3.10
CA SER A 411 -4.01 -14.72 2.56
C SER A 411 -4.75 -14.00 3.68
N GLU A 412 -5.55 -13.02 3.29
CA GLU A 412 -6.38 -12.28 4.20
C GLU A 412 -7.83 -12.40 3.78
N LEU A 413 -8.69 -12.77 4.72
CA LEU A 413 -10.12 -12.90 4.46
C LEU A 413 -10.73 -11.83 5.34
N PHE A 414 -11.16 -10.75 4.72
CA PHE A 414 -11.66 -9.58 5.46
C PHE A 414 -13.18 -9.57 5.54
N LEU A 415 -13.72 -9.63 6.76
CA LEU A 415 -15.15 -9.67 6.99
C LEU A 415 -15.82 -8.35 7.34
N ASP A 416 -16.86 -8.00 6.58
CA ASP A 416 -17.72 -6.89 6.90
C ASP A 416 -19.06 -7.53 7.26
N THR A 417 -19.74 -6.92 8.22
CA THR A 417 -21.06 -7.38 8.63
C THR A 417 -22.07 -6.26 8.33
N ALA A 418 -22.58 -5.57 9.34
CA ALA A 418 -23.53 -4.50 9.11
C ALA A 418 -24.67 -4.84 8.18
N GLY A 419 -25.26 -6.02 8.39
CA GLY A 419 -26.40 -6.41 7.58
C GLY A 419 -26.23 -7.59 6.65
N VAL A 420 -25.00 -8.01 6.43
CA VAL A 420 -24.66 -9.14 5.58
C VAL A 420 -23.41 -9.78 6.19
N ALA A 421 -22.91 -10.82 5.56
CA ALA A 421 -21.64 -11.44 5.98
C ALA A 421 -20.87 -11.37 4.66
N SER A 422 -19.97 -10.41 4.56
CA SER A 422 -19.26 -10.21 3.30
C SER A 422 -17.75 -10.26 3.46
N PHE A 423 -17.13 -11.13 2.68
CA PHE A 423 -15.67 -11.27 2.67
C PHE A 423 -15.00 -10.76 1.41
N ASP A 424 -14.00 -9.90 1.60
CA ASP A 424 -13.13 -9.49 0.49
C ASP A 424 -11.89 -10.29 0.85
N VAL A 425 -11.35 -11.01 -0.15
CA VAL A 425 -10.28 -11.98 0.08
C VAL A 425 -9.13 -11.75 -0.83
N TRP A 426 -7.92 -11.76 -0.30
CA TRP A 426 -6.76 -11.60 -1.16
C TRP A 426 -5.55 -12.39 -0.74
N ASP A 427 -4.83 -12.92 -1.74
CA ASP A 427 -3.56 -13.62 -1.56
C ASP A 427 -2.59 -12.44 -1.26
N LEU A 428 -2.02 -12.44 -0.06
CA LEU A 428 -1.13 -11.37 0.38
C LEU A 428 0.25 -11.34 -0.26
N LEU A 429 0.73 -12.50 -0.72
CA LEU A 429 2.08 -12.63 -1.22
C LEU A 429 2.15 -13.12 -2.67
N PRO A 430 1.87 -12.22 -3.60
CA PRO A 430 1.92 -12.63 -4.99
C PRO A 430 3.35 -12.81 -5.50
N PHE A 431 3.55 -13.84 -6.32
CA PHE A 431 4.82 -14.09 -6.96
C PHE A 431 4.92 -13.37 -8.30
N THR A 432 3.78 -13.00 -8.90
CA THR A 432 3.86 -12.25 -10.13
C THR A 432 4.60 -10.90 -9.89
N ARG A 433 5.27 -10.43 -10.94
CA ARG A 433 5.91 -9.12 -10.85
C ARG A 433 5.47 -8.36 -12.08
N GLY A 434 5.03 -7.12 -11.89
CA GLY A 434 4.59 -6.28 -12.99
C GLY A 434 5.48 -5.08 -13.20
N TYR A 435 4.99 -4.13 -14.00
CA TYR A 435 5.77 -2.94 -14.25
C TYR A 435 4.86 -1.76 -14.49
N VAL A 436 5.45 -0.57 -14.41
CA VAL A 436 4.80 0.66 -14.86
C VAL A 436 5.84 1.42 -15.65
N HIS A 437 5.49 1.87 -16.87
CA HIS A 437 6.41 2.63 -17.68
C HIS A 437 5.64 3.70 -18.41
N ILE A 438 6.29 4.84 -18.58
CA ILE A 438 5.68 5.93 -19.34
C ILE A 438 5.62 5.47 -20.82
N LEU A 439 4.66 6.07 -21.55
CA LEU A 439 4.46 5.73 -22.97
C LEU A 439 4.60 6.97 -23.83
N ASP A 440 4.98 8.10 -23.22
CA ASP A 440 5.15 9.39 -23.92
C ASP A 440 6.15 10.22 -23.14
N LYS A 441 6.78 11.19 -23.81
CA LYS A 441 7.78 12.07 -23.22
C LYS A 441 7.11 13.17 -22.37
N ASP A 442 5.85 13.49 -22.64
CA ASP A 442 5.16 14.59 -21.95
C ASP A 442 4.51 14.13 -20.65
N PRO A 443 5.03 14.57 -19.50
CA PRO A 443 4.44 14.15 -18.23
C PRO A 443 2.97 14.50 -18.08
N TYR A 444 2.55 15.64 -18.63
CA TYR A 444 1.20 16.11 -18.42
C TYR A 444 0.15 15.39 -19.28
N LEU A 445 0.63 14.55 -20.20
CA LEU A 445 -0.30 13.73 -20.98
C LEU A 445 -0.77 12.52 -20.15
N HIS A 446 -0.01 12.19 -19.09
CA HIS A 446 -0.36 11.06 -18.22
C HIS A 446 -0.68 9.80 -19.00
N HIS A 447 0.20 9.48 -19.95
CA HIS A 447 0.05 8.31 -20.85
C HIS A 447 1.11 7.29 -20.41
N PHE A 448 0.66 6.22 -19.76
CA PHE A 448 1.59 5.23 -19.20
C PHE A 448 0.97 3.84 -19.25
N ALA A 449 1.83 2.86 -19.10
CA ALA A 449 1.42 1.44 -19.11
C ALA A 449 1.67 0.88 -17.71
N TYR A 450 0.59 0.65 -16.98
CA TYR A 450 0.65 0.13 -15.59
C TYR A 450 0.08 -1.30 -15.69
N ASP A 451 0.99 -2.28 -15.49
CA ASP A 451 0.65 -3.69 -15.68
C ASP A 451 1.08 -4.56 -14.50
N PRO A 452 0.16 -4.80 -13.55
CA PRO A 452 0.50 -5.64 -12.38
C PRO A 452 0.63 -7.12 -12.70
N GLN A 453 0.24 -7.53 -13.89
CA GLN A 453 0.36 -8.92 -14.32
C GLN A 453 -0.35 -9.90 -13.39
N TYR A 454 -1.53 -9.48 -12.93
CA TYR A 454 -2.35 -10.30 -12.02
C TYR A 454 -2.57 -11.68 -12.61
N PHE A 455 -2.38 -12.69 -11.77
CA PHE A 455 -2.62 -14.10 -12.12
C PHE A 455 -1.76 -14.67 -13.23
N LEU A 456 -0.67 -14.00 -13.56
CA LEU A 456 0.24 -14.54 -14.56
C LEU A 456 1.25 -15.50 -13.94
N ASN A 457 1.18 -15.66 -12.62
CA ASN A 457 1.98 -16.66 -11.94
C ASN A 457 0.93 -17.66 -11.44
N GLU A 458 1.20 -18.96 -11.67
CA GLU A 458 0.22 -20.00 -11.35
C GLU A 458 -0.09 -20.16 -9.87
N LEU A 459 0.89 -19.95 -8.99
CA LEU A 459 0.60 -20.08 -7.57
C LEU A 459 -0.31 -18.93 -7.08
N ASP A 460 -0.22 -17.76 -7.71
CA ASP A 460 -1.06 -16.64 -7.30
C ASP A 460 -2.52 -16.95 -7.62
N LEU A 461 -2.74 -17.59 -8.78
CA LEU A 461 -4.09 -17.99 -9.15
C LEU A 461 -4.62 -19.08 -8.22
N LEU A 462 -3.81 -20.12 -7.96
CA LEU A 462 -4.22 -21.17 -7.05
C LEU A 462 -4.48 -20.67 -5.65
N GLY A 463 -3.60 -19.80 -5.14
CA GLY A 463 -3.72 -19.26 -3.79
C GLY A 463 -4.95 -18.39 -3.64
N GLN A 464 -5.20 -17.54 -4.64
CA GLN A 464 -6.40 -16.69 -4.60
C GLN A 464 -7.66 -17.55 -4.63
N ALA A 465 -7.64 -18.54 -5.51
CA ALA A 465 -8.80 -19.45 -5.66
C ALA A 465 -9.05 -20.21 -4.34
N ALA A 466 -7.96 -20.69 -3.73
CA ALA A 466 -8.10 -21.43 -2.48
C ALA A 466 -8.60 -20.57 -1.32
N ALA A 467 -8.07 -19.35 -1.25
CA ALA A 467 -8.47 -18.46 -0.20
C ALA A 467 -9.94 -18.02 -0.32
N THR A 468 -10.39 -17.80 -1.55
CA THR A 468 -11.74 -17.32 -1.76
C THR A 468 -12.69 -18.51 -1.51
N GLN A 469 -12.29 -19.70 -1.94
CA GLN A 469 -13.10 -20.88 -1.66
C GLN A 469 -13.23 -21.07 -0.13
N LEU A 470 -12.15 -20.75 0.60
CA LEU A 470 -12.14 -20.87 2.06
C LEU A 470 -13.14 -19.92 2.68
N ALA A 471 -13.25 -18.72 2.12
CA ALA A 471 -14.21 -17.77 2.69
C ALA A 471 -15.64 -18.31 2.56
N ARG A 472 -15.94 -18.94 1.43
CA ARG A 472 -17.26 -19.51 1.23
C ARG A 472 -17.43 -20.68 2.25
N ASN A 473 -16.37 -21.46 2.40
CA ASN A 473 -16.45 -22.59 3.32
C ASN A 473 -16.73 -22.11 4.74
N ILE A 474 -15.96 -21.13 5.22
CA ILE A 474 -16.11 -20.69 6.60
C ILE A 474 -17.40 -19.92 6.87
N SER A 475 -17.99 -19.32 5.83
CA SER A 475 -19.24 -18.60 5.98
C SER A 475 -20.39 -19.53 6.32
N ASN A 476 -20.18 -20.83 6.12
CA ASN A 476 -21.23 -21.81 6.44
C ASN A 476 -20.61 -23.01 7.19
N SER A 477 -19.67 -22.69 8.08
N SER A 477 -19.67 -22.72 8.08
CA SER A 477 -18.96 -23.68 8.89
CA SER A 477 -18.98 -23.75 8.87
C SER A 477 -19.10 -23.39 10.37
C SER A 477 -19.10 -23.42 10.34
N GLY A 478 -19.25 -24.44 11.17
CA GLY A 478 -19.35 -24.24 12.61
C GLY A 478 -20.38 -23.22 13.06
N ALA A 479 -19.95 -22.32 13.93
CA ALA A 479 -20.81 -21.30 14.49
C ALA A 479 -21.40 -20.33 13.47
N MET A 480 -20.79 -20.26 12.29
CA MET A 480 -21.25 -19.35 11.23
C MET A 480 -22.51 -19.87 10.57
N GLN A 481 -22.74 -21.19 10.63
CA GLN A 481 -23.92 -21.80 10.03
C GLN A 481 -25.22 -21.16 10.52
N THR A 482 -25.25 -20.85 11.81
CA THR A 482 -26.45 -20.23 12.44
C THR A 482 -26.98 -18.98 11.73
N TYR A 483 -26.06 -18.12 11.34
CA TYR A 483 -26.39 -16.83 10.71
C TYR A 483 -26.52 -16.85 9.20
N PHE A 484 -26.12 -17.94 8.58
CA PHE A 484 -26.14 -18.07 7.11
C PHE A 484 -27.56 -18.10 6.56
N ALA A 485 -27.87 -17.18 5.64
CA ALA A 485 -29.20 -17.13 5.04
C ALA A 485 -29.11 -17.12 3.50
N GLY A 486 -28.10 -17.80 2.97
CA GLY A 486 -27.94 -17.89 1.53
C GLY A 486 -26.86 -17.00 0.92
N GLU A 487 -26.06 -17.61 0.04
CA GLU A 487 -24.98 -16.85 -0.63
C GLU A 487 -25.54 -15.98 -1.76
N THR A 488 -24.99 -14.78 -1.91
CA THR A 488 -25.43 -13.88 -2.98
C THR A 488 -24.29 -13.62 -3.98
N ILE A 489 -23.03 -13.79 -3.54
CA ILE A 489 -21.87 -13.62 -4.41
C ILE A 489 -20.85 -14.68 -4.00
N PRO A 490 -20.40 -15.55 -4.92
CA PRO A 490 -20.76 -15.65 -6.35
C PRO A 490 -22.24 -15.92 -6.61
N GLY A 491 -22.92 -16.60 -5.69
CA GLY A 491 -24.31 -16.92 -5.91
C GLY A 491 -24.49 -17.76 -7.16
N ASP A 492 -25.44 -17.37 -7.99
CA ASP A 492 -25.70 -18.05 -9.28
C ASP A 492 -24.52 -18.09 -10.21
N ASN A 493 -23.49 -17.27 -9.96
CA ASN A 493 -22.34 -17.20 -10.87
C ASN A 493 -21.30 -18.30 -10.70
N LEU A 494 -21.40 -19.04 -9.60
CA LEU A 494 -20.49 -20.19 -9.42
C LEU A 494 -21.17 -21.22 -8.50
N ALA A 495 -21.33 -22.45 -9.00
CA ALA A 495 -21.96 -23.53 -8.25
C ALA A 495 -21.41 -23.53 -6.84
N TYR A 496 -22.31 -23.67 -5.87
CA TYR A 496 -21.94 -23.63 -4.47
C TYR A 496 -20.92 -24.70 -4.05
N ASP A 497 -20.93 -25.84 -4.71
CA ASP A 497 -20.00 -26.92 -4.37
C ASP A 497 -18.79 -26.95 -5.28
N ALA A 498 -18.51 -25.82 -5.95
CA ALA A 498 -17.36 -25.76 -6.84
C ALA A 498 -16.03 -26.17 -6.18
N ASP A 499 -15.21 -26.94 -6.89
CA ASP A 499 -13.93 -27.34 -6.37
C ASP A 499 -12.85 -26.30 -6.68
N LEU A 500 -11.62 -26.58 -6.27
CA LEU A 500 -10.53 -25.63 -6.52
C LEU A 500 -10.32 -25.28 -8.00
N SER A 501 -10.36 -26.28 -8.87
N SER A 501 -10.38 -26.31 -8.87
CA SER A 501 -10.18 -26.02 -10.30
CA SER A 501 -10.21 -26.09 -10.30
C SER A 501 -11.24 -25.06 -10.81
C SER A 501 -11.24 -25.12 -10.83
N ALA A 502 -12.48 -25.26 -10.40
CA ALA A 502 -13.56 -24.41 -10.86
C ALA A 502 -13.33 -22.99 -10.37
N TRP A 503 -12.88 -22.86 -9.13
CA TRP A 503 -12.61 -21.51 -8.63
C TRP A 503 -11.47 -20.86 -9.45
N THR A 504 -10.45 -21.60 -9.86
N THR A 504 -10.47 -21.64 -9.87
CA THR A 504 -9.38 -20.98 -10.63
CA THR A 504 -9.39 -21.05 -10.64
C THR A 504 -9.89 -20.49 -11.99
C THR A 504 -9.87 -20.54 -11.99
N GLU A 505 -10.93 -21.13 -12.51
CA GLU A 505 -11.47 -20.70 -13.81
C GLU A 505 -12.37 -19.47 -13.62
N TYR A 506 -12.99 -19.34 -12.46
CA TYR A 506 -13.89 -18.23 -12.14
C TYR A 506 -13.19 -16.94 -11.73
N ILE A 507 -12.14 -17.07 -10.93
CA ILE A 507 -11.50 -15.89 -10.36
C ILE A 507 -10.97 -14.82 -11.33
N PRO A 508 -10.37 -15.20 -12.48
CA PRO A 508 -9.87 -14.15 -13.37
C PRO A 508 -10.94 -13.18 -13.88
N TYR A 509 -12.17 -13.62 -13.85
CA TYR A 509 -13.30 -12.82 -14.31
C TYR A 509 -14.13 -12.21 -13.22
N HIS A 510 -13.68 -12.36 -11.97
CA HIS A 510 -14.39 -11.83 -10.83
C HIS A 510 -13.42 -11.37 -9.73
N PHE A 511 -12.51 -10.48 -10.10
CA PHE A 511 -11.59 -9.95 -9.11
C PHE A 511 -11.36 -8.49 -9.37
N ARG A 512 -10.76 -7.84 -8.37
CA ARG A 512 -10.37 -6.43 -8.54
C ARG A 512 -8.99 -6.27 -7.96
N PRO A 513 -8.25 -5.22 -8.36
CA PRO A 513 -6.93 -4.94 -7.79
C PRO A 513 -7.18 -4.64 -6.30
N ASN A 514 -6.18 -4.91 -5.47
CA ASN A 514 -6.32 -4.60 -4.06
C ASN A 514 -5.84 -3.16 -3.73
N TYR A 515 -5.13 -2.55 -4.69
CA TYR A 515 -4.64 -1.16 -4.54
C TYR A 515 -3.59 -1.03 -3.45
N HIS A 516 -2.77 -2.08 -3.26
CA HIS A 516 -1.69 -2.04 -2.27
C HIS A 516 -0.36 -2.12 -3.05
N GLY A 517 -0.33 -1.52 -4.24
CA GLY A 517 0.86 -1.65 -5.05
C GLY A 517 2.18 -1.10 -4.51
N VAL A 518 3.22 -1.92 -4.49
CA VAL A 518 4.54 -1.45 -4.02
C VAL A 518 5.63 -1.94 -4.95
N GLY A 519 6.83 -1.37 -4.78
CA GLY A 519 8.01 -1.91 -5.41
C GLY A 519 8.58 -1.32 -6.65
N THR A 520 7.89 -0.33 -7.22
CA THR A 520 8.32 0.27 -8.48
C THR A 520 9.62 1.06 -8.44
N CYS A 521 10.08 1.42 -7.23
CA CYS A 521 11.40 2.05 -7.02
C CYS A 521 11.98 1.32 -5.80
N SER A 522 12.18 0.01 -5.94
CA SER A 522 12.53 -0.82 -4.80
C SER A 522 13.79 -0.39 -4.04
N MET A 523 13.64 -0.42 -2.72
CA MET A 523 14.74 -0.16 -1.82
C MET A 523 15.44 -1.50 -1.58
N MET A 524 16.52 -1.68 -2.32
CA MET A 524 17.39 -2.83 -2.21
C MET A 524 18.66 -2.50 -3.01
N PRO A 525 19.74 -3.27 -2.83
CA PRO A 525 20.98 -2.98 -3.55
C PRO A 525 20.79 -2.89 -5.04
N LYS A 526 21.60 -2.06 -5.69
CA LYS A 526 21.55 -1.90 -7.13
C LYS A 526 21.74 -3.24 -7.79
N GLU A 527 22.65 -4.05 -7.24
CA GLU A 527 22.92 -5.37 -7.80
C GLU A 527 21.72 -6.31 -7.72
N MET A 528 20.78 -6.04 -6.82
CA MET A 528 19.58 -6.88 -6.71
C MET A 528 18.43 -6.31 -7.53
N GLY A 529 18.69 -5.27 -8.32
CA GLY A 529 17.66 -4.61 -9.13
C GLY A 529 17.02 -3.42 -8.41
N GLY A 530 17.69 -2.91 -7.39
CA GLY A 530 17.15 -1.77 -6.66
C GLY A 530 17.24 -0.42 -7.36
N VAL A 531 16.40 0.50 -6.89
CA VAL A 531 16.39 1.87 -7.41
C VAL A 531 16.87 2.86 -6.33
N VAL A 532 16.65 2.55 -5.05
CA VAL A 532 17.07 3.44 -3.96
C VAL A 532 17.82 2.68 -2.86
N ASP A 533 18.73 3.38 -2.18
CA ASP A 533 19.51 2.78 -1.10
C ASP A 533 18.72 2.78 0.20
N ASN A 534 19.35 2.39 1.32
CA ASN A 534 18.67 2.29 2.58
C ASN A 534 18.35 3.63 3.25
N ALA A 535 18.61 4.72 2.53
CA ALA A 535 18.23 6.05 2.99
C ALA A 535 17.26 6.63 1.97
N ALA A 536 16.77 5.74 1.08
CA ALA A 536 15.80 6.10 0.02
C ALA A 536 16.38 6.99 -1.06
N ARG A 537 17.71 7.04 -1.20
CA ARG A 537 18.34 7.89 -2.21
C ARG A 537 18.47 7.13 -3.53
N VAL A 538 18.04 7.79 -4.62
CA VAL A 538 18.12 7.18 -5.93
C VAL A 538 19.59 6.98 -6.29
N TYR A 539 19.93 5.76 -6.69
CA TYR A 539 21.31 5.46 -7.07
C TYR A 539 21.84 6.34 -8.20
N GLY A 540 23.06 6.85 -8.03
CA GLY A 540 23.65 7.65 -9.09
C GLY A 540 23.16 9.08 -9.22
N VAL A 541 22.29 9.54 -8.33
CA VAL A 541 21.80 10.92 -8.37
C VAL A 541 21.92 11.56 -6.98
N GLN A 542 22.41 12.78 -6.94
CA GLN A 542 22.56 13.50 -5.69
C GLN A 542 21.28 14.30 -5.40
N GLY A 543 20.90 14.38 -4.13
CA GLY A 543 19.77 15.18 -3.72
C GLY A 543 18.41 14.75 -4.22
N LEU A 544 18.23 13.44 -4.39
CA LEU A 544 16.95 12.91 -4.87
C LEU A 544 16.58 11.62 -4.14
N ARG A 545 15.39 11.61 -3.59
CA ARG A 545 14.92 10.41 -2.91
C ARG A 545 13.49 10.07 -3.35
N VAL A 546 13.11 8.81 -3.14
CA VAL A 546 11.74 8.35 -3.38
C VAL A 546 11.38 7.84 -1.99
N ILE A 547 10.29 8.34 -1.43
CA ILE A 547 9.96 8.04 -0.04
C ILE A 547 8.62 7.41 0.25
N ASP A 548 7.98 6.92 -0.82
CA ASP A 548 6.61 6.43 -0.71
C ASP A 548 6.49 4.93 -0.96
N GLY A 549 5.25 4.47 -1.23
CA GLY A 549 4.98 3.06 -1.47
C GLY A 549 5.72 2.45 -2.64
N SER A 550 6.41 3.26 -3.46
CA SER A 550 7.24 2.71 -4.51
C SER A 550 8.42 1.91 -3.95
N ILE A 551 8.88 2.22 -2.72
CA ILE A 551 10.13 1.62 -2.27
C ILE A 551 10.13 0.29 -1.53
N PRO A 552 9.04 -0.10 -0.84
CA PRO A 552 9.10 -1.43 -0.17
C PRO A 552 9.45 -2.49 -1.19
N PRO A 553 10.47 -3.32 -0.96
CA PRO A 553 10.85 -4.34 -1.92
C PRO A 553 9.97 -5.60 -1.95
N THR A 554 9.12 -5.71 -0.93
CA THR A 554 8.24 -6.88 -0.81
C THR A 554 6.87 -6.43 -0.39
N GLN A 555 5.92 -7.35 -0.55
CA GLN A 555 4.61 -7.13 0.04
C GLN A 555 4.77 -7.56 1.52
N MET A 556 3.71 -7.43 2.28
N MET A 556 3.68 -7.49 2.26
CA MET A 556 3.74 -7.78 3.69
CA MET A 556 3.71 -7.85 3.66
C MET A 556 2.37 -8.29 4.10
C MET A 556 2.36 -8.35 4.07
N SER A 557 2.32 -9.09 5.17
CA SER A 557 1.05 -9.65 5.62
C SER A 557 0.35 -8.69 6.53
N SER A 558 -0.08 -7.56 5.95
CA SER A 558 -0.74 -6.55 6.74
C SER A 558 -1.29 -5.45 5.86
N HIS A 559 -1.97 -4.51 6.49
CA HIS A 559 -2.40 -3.31 5.83
C HIS A 559 -1.14 -2.42 5.98
N VAL A 560 -0.88 -1.58 4.98
CA VAL A 560 0.40 -0.88 4.94
C VAL A 560 0.58 0.44 5.66
N MET A 561 -0.50 1.10 6.07
CA MET A 561 -0.31 2.42 6.72
C MET A 561 0.64 2.40 7.94
N THR A 562 0.52 1.39 8.80
CA THR A 562 1.39 1.35 9.97
C THR A 562 2.85 1.34 9.58
N VAL A 563 3.19 0.73 8.45
CA VAL A 563 4.55 0.64 7.98
C VAL A 563 4.94 1.89 7.19
N PHE A 564 4.02 2.41 6.38
CA PHE A 564 4.38 3.61 5.61
C PHE A 564 4.59 4.85 6.48
N TYR A 565 3.77 5.00 7.53
CA TYR A 565 4.02 6.13 8.45
C TYR A 565 5.42 5.99 9.09
N ALA A 566 5.75 4.78 9.53
CA ALA A 566 7.06 4.51 10.13
C ALA A 566 8.18 4.79 9.12
N MET A 567 7.99 4.34 7.89
CA MET A 567 8.95 4.51 6.82
C MET A 567 9.23 5.98 6.56
N ALA A 568 8.16 6.78 6.53
CA ALA A 568 8.33 8.20 6.29
C ALA A 568 9.13 8.85 7.44
N LEU A 569 8.81 8.49 8.69
CA LEU A 569 9.53 9.05 9.84
C LEU A 569 11.01 8.65 9.81
N LYS A 570 11.29 7.41 9.42
CA LYS A 570 12.67 6.94 9.39
C LYS A 570 13.48 7.66 8.31
N ILE A 571 12.88 7.81 7.15
CA ILE A 571 13.56 8.50 6.05
C ILE A 571 13.73 9.99 6.43
N SER A 572 12.73 10.58 7.07
CA SER A 572 12.83 11.97 7.53
C SER A 572 14.07 12.13 8.41
N ASP A 573 14.32 11.16 9.29
CA ASP A 573 15.52 11.27 10.16
C ASP A 573 16.78 11.22 9.31
N ALA A 574 16.82 10.35 8.30
CA ALA A 574 17.99 10.25 7.45
C ALA A 574 18.22 11.58 6.70
N ILE A 575 17.12 12.17 6.26
CA ILE A 575 17.18 13.45 5.55
C ILE A 575 17.77 14.51 6.53
N LEU A 576 17.28 14.53 7.75
CA LEU A 576 17.78 15.50 8.74
C LEU A 576 19.24 15.26 9.08
N GLU A 577 19.70 14.02 9.07
CA GLU A 577 21.12 13.77 9.33
C GLU A 577 21.96 14.34 8.20
N ASP A 578 21.48 14.22 6.97
CA ASP A 578 22.22 14.75 5.85
C ASP A 578 22.17 16.27 5.80
N TYR A 579 21.06 16.86 6.25
CA TYR A 579 20.91 18.31 6.29
C TYR A 579 22.10 18.86 7.10
N ALA A 580 22.41 18.20 8.20
CA ALA A 580 23.51 18.63 9.05
C ALA A 580 24.87 18.42 8.39
N SER A 581 24.97 17.46 7.47
CA SER A 581 26.22 17.18 6.77
C SER A 581 26.38 18.06 5.53
N MET A 582 25.33 18.80 5.19
CA MET A 582 25.36 19.68 4.00
C MET A 582 25.29 21.18 4.33
N GLN A 583 25.94 21.59 5.41
CA GLN A 583 25.95 23.00 5.80
C GLN A 583 27.20 23.73 5.34
C1 NAG B . -7.04 -12.08 -25.28
C2 NAG B . -7.23 -13.59 -25.09
C3 NAG B . -6.20 -14.33 -25.94
C4 NAG B . -6.27 -13.90 -27.39
C5 NAG B . -6.18 -12.37 -27.48
C6 NAG B . -6.44 -11.87 -28.91
C7 NAG B . -8.21 -14.18 -22.92
C8 NAG B . -7.95 -14.46 -21.46
N2 NAG B . -7.13 -13.90 -23.67
O3 NAG B . -6.39 -15.73 -25.78
O4 NAG B . -5.15 -14.45 -28.04
O5 NAG B . -7.14 -11.75 -26.65
O6 NAG B . -6.29 -10.47 -28.93
O7 NAG B . -9.38 -14.24 -23.35
C1 NAG B . -5.49 -15.16 -29.24
C2 NAG B . -4.21 -15.52 -29.97
C3 NAG B . -4.53 -16.28 -31.25
C4 NAG B . -5.50 -17.44 -31.01
C5 NAG B . -6.67 -17.01 -30.14
C6 NAG B . -7.52 -18.21 -29.69
C7 NAG B . -3.64 -13.29 -31.02
C8 NAG B . -2.60 -12.21 -31.03
N2 NAG B . -3.39 -14.32 -30.20
O3 NAG B . -3.32 -16.74 -31.82
O4 NAG B . -6.04 -17.82 -32.25
O5 NAG B . -6.23 -16.33 -28.98
O6 NAG B . -8.65 -17.74 -29.00
O7 NAG B . -4.65 -13.14 -31.75
C1 BMA B . -5.64 -19.14 -32.68
C2 BMA B . -6.75 -19.67 -33.60
C3 BMA B . -6.38 -21.04 -34.16
C4 BMA B . -4.97 -21.01 -34.77
C5 BMA B . -3.94 -20.39 -33.82
C6 BMA B . -2.58 -20.26 -34.50
O2 BMA B . -6.98 -18.72 -34.65
O3 BMA B . -7.32 -21.42 -35.17
O4 BMA B . -4.56 -22.34 -35.09
O5 BMA B . -4.41 -19.10 -33.39
O6 BMA B . -1.59 -19.92 -33.53
C1 MAN B . -8.27 -22.42 -34.75
C2 MAN B . -8.85 -23.10 -35.99
C3 MAN B . -9.62 -22.04 -36.78
C4 MAN B . -10.70 -21.37 -35.91
C5 MAN B . -10.05 -20.85 -34.61
C6 MAN B . -10.97 -20.15 -33.61
O2 MAN B . -9.76 -24.15 -35.69
O3 MAN B . -10.18 -22.59 -37.96
O4 MAN B . -11.29 -20.31 -36.62
O5 MAN B . -9.33 -21.91 -33.97
O6 MAN B . -11.98 -21.00 -33.13
C1 MAN B . -9.18 -25.40 -35.26
C2 MAN B . -10.07 -26.57 -35.69
C3 MAN B . -11.36 -26.62 -34.87
C4 MAN B . -11.09 -26.53 -33.38
C5 MAN B . -10.14 -25.37 -33.06
C6 MAN B . -9.76 -25.34 -31.59
O2 MAN B . -9.38 -27.80 -35.51
O3 MAN B . -12.05 -27.82 -35.12
O4 MAN B . -12.32 -26.39 -32.71
O5 MAN B . -8.96 -25.46 -33.86
O6 MAN B . -9.17 -24.10 -31.30
C1 NAG C . 2.04 -8.12 24.74
C2 NAG C . 2.16 -9.58 25.18
C3 NAG C . 3.53 -9.80 25.82
C4 NAG C . 4.65 -9.34 24.89
C5 NAG C . 4.40 -7.91 24.40
C6 NAG C . 5.37 -7.44 23.32
C7 NAG C . 0.13 -10.82 25.81
C8 NAG C . -0.89 -11.07 26.88
N2 NAG C . 1.09 -9.94 26.10
O3 NAG C . 3.69 -11.17 26.10
O4 NAG C . 5.89 -9.40 25.57
O5 NAG C . 3.09 -7.80 23.86
O6 NAG C . 5.16 -8.18 22.13
O7 NAG C . 0.03 -11.43 24.73
C1 NAG D . 2.15 -27.28 5.86
C2 NAG D . 2.96 -27.61 7.11
C3 NAG D . 4.28 -28.25 6.66
C4 NAG D . 3.96 -29.48 5.83
C5 NAG D . 3.08 -29.06 4.64
C6 NAG D . 2.77 -30.24 3.72
C7 NAG D . 2.44 -26.13 8.98
C8 NAG D . 2.81 -24.88 9.72
N2 NAG D . 3.19 -26.43 7.93
O3 NAG D . 5.04 -28.59 7.81
O4 NAG D . 5.13 -30.06 5.35
O5 NAG D . 1.90 -28.45 5.13
O6 NAG D . 1.96 -31.17 4.41
O7 NAG D . 1.49 -26.82 9.38
C1 NAG E . 21.72 -10.03 -10.73
C2 NAG E . 23.04 -9.24 -10.71
C3 NAG E . 24.10 -9.95 -9.88
C4 NAG E . 23.57 -10.37 -8.50
C5 NAG E . 22.24 -11.09 -8.67
C6 NAG E . 21.58 -11.43 -7.34
C7 NAG E . 24.03 -7.94 -12.54
C8 NAG E . 24.51 -7.97 -13.96
N2 NAG E . 23.55 -9.09 -12.06
O3 NAG E . 25.25 -9.12 -9.79
O4 NAG E . 24.47 -11.23 -7.83
O5 NAG E . 21.33 -10.30 -9.40
O6 NAG E . 21.31 -10.25 -6.61
O7 NAG E . 24.09 -6.90 -11.89
PA FAD F . -0.44 8.32 -1.53
O1A FAD F . -1.30 7.71 -2.63
O2A FAD F . -0.97 8.37 -0.23
O5B FAD F . -0.08 9.78 -1.94
C5B FAD F . 0.48 10.19 -3.19
C4B FAD F . -0.03 11.59 -3.45
O4B FAD F . 0.59 12.04 -4.70
C3B FAD F . -1.56 11.74 -3.69
O3B FAD F . -2.16 12.65 -2.80
C2B FAD F . -1.68 12.09 -5.18
O2B FAD F . -2.82 12.84 -5.53
C1B FAD F . -0.42 12.88 -5.42
N9A FAD F . 0.12 12.88 -6.76
C8A FAD F . 0.00 11.94 -7.76
N7A FAD F . 0.67 12.25 -8.85
C5A FAD F . 1.26 13.47 -8.56
C6A FAD F . 2.15 14.34 -9.33
N6A FAD F . 2.64 14.12 -10.53
N1A FAD F . 2.50 15.51 -8.65
C2A FAD F . 2.07 15.83 -7.41
N3A FAD F . 1.27 15.05 -6.64
C4A FAD F . 0.90 13.90 -7.27
N1 FAD F . -3.84 1.01 3.88
C2 FAD F . -4.07 0.57 5.11
O2 FAD F . -3.20 0.53 5.97
N3 FAD F . -5.36 0.12 5.52
C4 FAD F . -6.42 0.09 4.63
O4 FAD F . -7.53 -0.29 4.99
C4X FAD F . -6.17 0.54 3.29
N5 FAD F . -7.18 0.51 2.38
C5X FAD F . -6.90 1.05 1.12
C6 FAD F . -8.00 1.12 0.18
C7 FAD F . -7.80 1.74 -1.05
C7M FAD F . -8.96 1.88 -2.00
C8 FAD F . -6.51 2.29 -1.43
C8M FAD F . -6.33 2.99 -2.76
C9 FAD F . -5.44 2.21 -0.52
C9A FAD F . -5.63 1.56 0.72
N10 FAD F . -4.59 1.49 1.70
C10 FAD F . -4.82 1.00 2.94
C1' FAD F . -3.24 1.91 1.27
C2' FAD F . -2.71 3.25 1.73
O2' FAD F . -3.77 4.23 1.74
C3' FAD F . -1.60 3.61 0.73
O3' FAD F . -0.66 2.56 0.66
C4' FAD F . -0.88 4.89 1.16
O4' FAD F . -1.74 6.03 1.27
C5' FAD F . 0.19 5.12 0.14
O5' FAD F . 0.97 6.33 0.61
P FAD F . 1.90 7.03 -0.40
O1P FAD F . 2.54 8.22 0.35
O2P FAD F . 2.83 6.12 -1.05
O3P FAD F . 0.94 7.54 -1.59
CL CL G . -9.51 10.86 19.55
#